data_5ECG
#
_entry.id   5ECG
#
_cell.length_a   70.264
_cell.length_b   94.498
_cell.length_c   131.742
_cell.angle_alpha   90.00
_cell.angle_beta   90.00
_cell.angle_gamma   90.00
#
_symmetry.space_group_name_H-M   'P 21 21 21'
#
loop_
_entity.id
_entity.type
_entity.pdbx_description
1 polymer 'Cellular tumor antigen p53'
2 polymer 'Tumor suppressor p53-binding protein 1'
3 polymer SEP-GLN-GLU-TYR
4 non-polymer 'ZINC ION'
5 water water
#
loop_
_entity_poly.entity_id
_entity_poly.type
_entity_poly.pdbx_seq_one_letter_code
_entity_poly.pdbx_strand_id
1 'polypeptide(L)'
;GPLGSHMSSVPSQKTYQGSYGFRLGFLHSGTAKSVTCTYSPALNKMFCQLAKTCPVQLWVDSTPPPGTRVRAMAIYKQSQ
HMTEVVRRCPHHERCSDSDGLAPPQHLIRVEGNLRVEYLDDRNTFRHSVVVPYEPPEVGSDCTTIHYNYMCNSSCMGGMN
RRPILTIITLEDSSGNLLGRNSFEVRVCACPGRDRRTEEENLRKKGEPHHELPPGSTKRALPNNT
;
A,B
2 'polypeptide(L)'
;HMSALEEQRGPLPLNKTLFLGYAFLLTMATTSDKLASRSKLPDGPTGSSEEEEEFLEIPPFNKQYTESQLRAGAGYILED
FNEAQCNTAYQCLLIADQHCRTRKYFLCLASGIPCVSHVWVHDSCHANQLQNYRNYLLPAGYSLEEQRILDWQPRENPFQ
NLKVLLVSDQQQNFLELWSEILMTGGAASVKQHHSSAHNKDIALGVFDVVVTDPSCPASVLKCAEALQLPVVSQEWVIQC
LIVGERIGFKQHPKYKHDYVSH
;
C,D
3 'polypeptide(L)' (SEP)QEY E,F
#
loop_
_chem_comp.id
_chem_comp.type
_chem_comp.name
_chem_comp.formula
ZN non-polymer 'ZINC ION' 'Zn 2'
#
# COMPACT_ATOMS: atom_id res chain seq x y z
N SER A 9 -11.42 1.94 -10.65
CA SER A 9 -10.38 2.52 -9.80
C SER A 9 -10.85 2.60 -8.35
N VAL A 10 -9.97 2.22 -7.44
CA VAL A 10 -10.31 2.24 -6.01
C VAL A 10 -10.35 3.69 -5.53
N PRO A 11 -11.43 4.12 -4.87
CA PRO A 11 -11.44 5.47 -4.30
C PRO A 11 -10.37 5.62 -3.23
N SER A 12 -9.86 6.84 -3.11
CA SER A 12 -8.77 7.10 -2.17
C SER A 12 -9.26 6.95 -0.73
N GLN A 13 -8.35 6.52 0.14
CA GLN A 13 -8.64 6.33 1.55
C GLN A 13 -7.71 7.14 2.44
N LYS A 14 -7.03 8.15 1.88
CA LYS A 14 -6.08 8.93 2.66
C LYS A 14 -6.82 9.91 3.55
N THR A 15 -6.38 10.00 4.80
CA THR A 15 -6.95 10.96 5.74
C THR A 15 -6.77 12.38 5.23
N TYR A 16 -7.83 13.17 5.30
CA TYR A 16 -7.81 14.55 4.80
C TYR A 16 -8.73 15.37 5.71
N GLN A 17 -8.16 15.93 6.78
CA GLN A 17 -8.92 16.78 7.68
C GLN A 17 -9.48 18.00 6.96
N GLY A 18 -8.82 18.42 5.89
CA GLY A 18 -9.27 19.54 5.09
C GLY A 18 -9.24 20.86 5.84
N SER A 19 -9.88 21.86 5.22
CA SER A 19 -9.90 23.20 5.79
C SER A 19 -10.75 23.28 7.06
N TYR A 20 -11.78 22.45 7.17
CA TYR A 20 -12.66 22.43 8.33
C TYR A 20 -12.15 21.54 9.46
N GLY A 21 -11.05 20.83 9.28
CA GLY A 21 -10.54 19.92 10.30
C GLY A 21 -11.54 18.84 10.66
N PHE A 22 -12.02 18.14 9.64
CA PHE A 22 -13.00 17.07 9.83
C PHE A 22 -12.36 15.84 10.48
N ARG A 23 -13.04 15.30 11.50
CA ARG A 23 -12.62 14.11 12.23
C ARG A 23 -13.84 13.27 12.57
N LEU A 24 -13.60 12.02 12.95
CA LEU A 24 -14.66 11.06 13.25
C LEU A 24 -14.64 10.67 14.72
N GLY A 25 -15.83 10.44 15.27
CA GLY A 25 -15.99 10.04 16.65
C GLY A 25 -16.82 8.79 16.73
N PHE A 26 -16.51 7.94 17.69
CA PHE A 26 -17.25 6.70 17.82
C PHE A 26 -17.74 6.48 19.24
N LEU A 27 -18.99 6.00 19.36
CA LEU A 27 -19.61 5.71 20.63
C LEU A 27 -19.85 4.20 20.72
N HIS A 28 -20.79 3.77 21.56
CA HIS A 28 -21.02 2.35 21.79
C HIS A 28 -22.46 1.90 21.55
N SER A 29 -23.29 1.99 22.59
CA SER A 29 -24.65 1.42 22.62
C SER A 29 -24.56 -0.11 22.67
N SER A 34 -25.14 -6.00 26.41
CA SER A 34 -24.55 -6.53 25.18
C SER A 34 -24.24 -5.39 24.20
N VAL A 35 -22.98 -5.29 23.81
CA VAL A 35 -22.53 -4.19 22.96
C VAL A 35 -22.98 -4.45 21.52
N THR A 36 -23.63 -3.45 20.94
CA THR A 36 -24.13 -3.55 19.57
C THR A 36 -23.22 -2.85 18.57
N CYS A 37 -22.34 -1.97 19.06
CA CYS A 37 -21.37 -1.29 18.22
C CYS A 37 -20.27 -0.76 19.12
N THR A 38 -19.03 -1.16 18.87
CA THR A 38 -17.87 -0.73 19.64
C THR A 38 -16.76 -0.37 18.66
N TYR A 39 -15.82 0.45 19.14
CA TYR A 39 -14.74 0.93 18.29
C TYR A 39 -13.41 0.81 19.02
N SER A 40 -12.41 0.32 18.29
CA SER A 40 -11.06 0.19 18.79
C SER A 40 -10.21 1.29 18.17
N PRO A 41 -9.71 2.24 18.97
CA PRO A 41 -8.82 3.28 18.42
C PRO A 41 -7.42 2.79 18.12
N ALA A 42 -6.96 1.72 18.79
CA ALA A 42 -5.66 1.16 18.45
C ALA A 42 -5.67 0.54 17.06
N LEU A 43 -6.74 -0.18 16.73
CA LEU A 43 -6.92 -0.76 15.41
C LEU A 43 -7.66 0.15 14.44
N ASN A 44 -8.26 1.23 14.94
CA ASN A 44 -9.09 2.11 14.12
C ASN A 44 -10.18 1.31 13.43
N LYS A 45 -10.84 0.45 14.22
CA LYS A 45 -11.71 -0.57 13.65
C LYS A 45 -13.02 -0.63 14.43
N MET A 46 -14.13 -0.71 13.71
CA MET A 46 -15.45 -0.79 14.33
C MET A 46 -15.96 -2.23 14.28
N PHE A 47 -16.37 -2.74 15.43
CA PHE A 47 -17.02 -4.03 15.55
C PHE A 47 -18.47 -3.81 15.94
N CYS A 48 -19.40 -4.18 15.07
CA CYS A 48 -20.82 -3.97 15.33
C CYS A 48 -21.60 -5.25 15.01
N GLN A 49 -22.90 -5.21 15.25
CA GLN A 49 -23.75 -6.33 14.90
C GLN A 49 -24.59 -6.02 13.67
N LEU A 50 -25.08 -7.10 13.06
CA LEU A 50 -25.93 -7.02 11.86
C LEU A 50 -27.10 -6.06 12.09
N ALA A 51 -27.28 -5.14 11.14
CA ALA A 51 -28.39 -4.18 11.15
C ALA A 51 -28.55 -3.50 12.50
N LYS A 52 -27.44 -3.11 13.12
CA LYS A 52 -27.46 -2.45 14.41
C LYS A 52 -27.09 -0.98 14.25
N THR A 53 -27.54 -0.18 15.22
CA THR A 53 -27.27 1.25 15.19
C THR A 53 -25.79 1.51 15.48
N CYS A 54 -25.10 2.12 14.51
CA CYS A 54 -23.69 2.46 14.63
C CYS A 54 -23.54 3.98 14.68
N PRO A 55 -23.33 4.56 15.86
CA PRO A 55 -23.14 6.01 15.95
C PRO A 55 -21.76 6.41 15.44
N VAL A 56 -21.74 7.32 14.47
CA VAL A 56 -20.51 7.89 13.93
C VAL A 56 -20.63 9.40 13.99
N GLN A 57 -19.81 10.01 14.84
CA GLN A 57 -19.82 11.45 15.09
C GLN A 57 -18.93 12.18 14.10
N LEU A 58 -19.34 13.40 13.78
CA LEU A 58 -18.58 14.30 12.91
C LEU A 58 -18.11 15.48 13.75
N TRP A 59 -16.80 15.63 13.88
CA TRP A 59 -16.20 16.75 14.59
C TRP A 59 -15.54 17.69 13.58
N VAL A 60 -15.89 18.96 13.64
CA VAL A 60 -15.32 19.96 12.75
C VAL A 60 -14.79 21.11 13.59
N ASP A 61 -13.63 21.66 13.18
CA ASP A 61 -13.12 22.85 13.83
C ASP A 61 -13.74 24.11 13.23
N SER A 62 -14.17 24.03 11.98
CA SER A 62 -14.84 25.13 11.29
C SER A 62 -16.16 24.62 10.73
N THR A 63 -17.25 25.27 11.06
CA THR A 63 -18.56 24.79 10.66
C THR A 63 -18.71 24.90 9.15
N PRO A 64 -18.91 23.79 8.44
CA PRO A 64 -19.05 23.85 6.99
C PRO A 64 -20.31 24.60 6.60
N PRO A 65 -20.34 25.19 5.42
CA PRO A 65 -21.51 25.95 5.00
C PRO A 65 -22.69 25.04 4.72
N PRO A 66 -23.90 25.58 4.63
CA PRO A 66 -25.05 24.75 4.24
C PRO A 66 -24.89 24.22 2.82
N GLY A 67 -25.61 23.15 2.55
CA GLY A 67 -25.44 22.41 1.32
C GLY A 67 -24.35 21.36 1.38
N THR A 68 -23.54 21.36 2.43
CA THR A 68 -22.51 20.35 2.60
C THR A 68 -23.14 18.99 2.84
N ARG A 69 -22.56 17.97 2.23
CA ARG A 69 -23.09 16.62 2.26
C ARG A 69 -22.02 15.65 2.75
N VAL A 70 -22.47 14.61 3.45
CA VAL A 70 -21.62 13.59 4.03
C VAL A 70 -21.90 12.28 3.31
N ARG A 71 -20.90 11.76 2.60
CA ARG A 71 -21.01 10.53 1.82
C ARG A 71 -20.31 9.39 2.55
N ALA A 72 -20.88 8.19 2.42
CA ALA A 72 -20.32 6.99 3.00
C ALA A 72 -20.21 5.93 1.91
N MET A 73 -19.06 5.26 1.85
CA MET A 73 -18.80 4.25 0.83
C MET A 73 -17.82 3.23 1.37
N ALA A 74 -18.15 1.95 1.24
CA ALA A 74 -17.31 0.87 1.75
C ALA A 74 -16.43 0.29 0.65
N ILE A 75 -15.17 0.03 0.99
CA ILE A 75 -14.23 -0.63 0.09
C ILE A 75 -13.63 -1.83 0.81
N TYR A 76 -13.02 -2.73 0.04
CA TYR A 76 -12.31 -3.86 0.65
C TYR A 76 -10.91 -3.43 1.06
N LYS A 77 -10.45 -3.93 2.21
CA LYS A 77 -9.16 -3.48 2.73
C LYS A 77 -7.98 -4.23 2.11
N GLN A 78 -8.17 -5.50 1.74
CA GLN A 78 -7.07 -6.25 1.15
C GLN A 78 -6.85 -5.82 -0.30
N SER A 79 -5.59 -5.95 -0.75
CA SER A 79 -5.23 -5.47 -2.08
C SER A 79 -5.85 -6.34 -3.17
N GLN A 80 -5.86 -7.66 -2.98
CA GLN A 80 -6.37 -8.57 -4.00
C GLN A 80 -7.87 -8.41 -4.23
N HIS A 81 -8.60 -7.79 -3.30
CA HIS A 81 -10.03 -7.59 -3.43
C HIS A 81 -10.42 -6.13 -3.37
N MET A 82 -9.44 -5.22 -3.33
CA MET A 82 -9.74 -3.79 -3.24
C MET A 82 -10.53 -3.32 -4.44
N THR A 83 -10.20 -3.82 -5.63
CA THR A 83 -10.89 -3.46 -6.86
C THR A 83 -12.28 -4.06 -6.95
N GLU A 84 -12.59 -5.04 -6.11
CA GLU A 84 -13.89 -5.67 -6.13
C GLU A 84 -14.93 -4.76 -5.48
N VAL A 85 -16.11 -4.69 -6.10
CA VAL A 85 -17.20 -3.87 -5.58
C VAL A 85 -17.79 -4.51 -4.33
N VAL A 86 -17.96 -3.71 -3.28
CA VAL A 86 -18.64 -4.16 -2.07
C VAL A 86 -20.14 -4.13 -2.31
N ARG A 87 -20.81 -5.24 -2.00
CA ARG A 87 -22.26 -5.32 -2.13
C ARG A 87 -22.82 -6.22 -1.06
N ARG A 88 -24.14 -6.27 -0.99
CA ARG A 88 -24.83 -7.12 -0.03
C ARG A 88 -24.93 -8.53 -0.61
N CYS A 89 -24.81 -9.53 0.26
CA CYS A 89 -24.90 -10.91 -0.20
C CYS A 89 -26.29 -11.18 -0.76
N PRO A 90 -26.39 -11.89 -1.88
CA PRO A 90 -27.71 -12.12 -2.50
C PRO A 90 -28.72 -12.78 -1.58
N HIS A 91 -28.28 -13.50 -0.54
CA HIS A 91 -29.21 -14.07 0.42
C HIS A 91 -29.97 -12.97 1.16
N HIS A 92 -29.24 -12.05 1.78
CA HIS A 92 -29.89 -10.96 2.49
C HIS A 92 -30.55 -9.98 1.54
N GLU A 93 -30.19 -10.01 0.25
CA GLU A 93 -30.83 -9.13 -0.72
C GLU A 93 -32.18 -9.68 -1.15
N ARG A 94 -32.30 -11.00 -1.25
CA ARG A 94 -33.58 -11.62 -1.58
C ARG A 94 -34.57 -11.56 -0.42
N CYS A 95 -34.14 -11.16 0.77
CA CYS A 95 -35.04 -11.03 1.91
C CYS A 95 -34.52 -9.98 2.89
N SER A 98 -36.32 -3.71 5.18
CA SER A 98 -36.19 -3.34 3.78
C SER A 98 -36.26 -1.82 3.60
N ASP A 99 -36.10 -1.10 4.72
CA ASP A 99 -36.02 0.37 4.77
C ASP A 99 -37.02 1.07 3.85
N GLY A 100 -36.87 0.89 2.55
CA GLY A 100 -37.71 1.58 1.58
C GLY A 100 -36.89 2.38 0.59
N LEU A 101 -36.27 3.46 1.07
CA LEU A 101 -35.40 4.28 0.24
C LEU A 101 -34.03 3.65 0.01
N ALA A 102 -33.68 2.61 0.77
CA ALA A 102 -32.37 1.97 0.62
C ALA A 102 -32.47 0.77 -0.31
N PRO A 103 -31.64 0.68 -1.34
CA PRO A 103 -31.70 -0.47 -2.24
C PRO A 103 -31.27 -1.72 -1.53
N PRO A 104 -31.78 -2.88 -1.94
CA PRO A 104 -31.42 -4.13 -1.25
C PRO A 104 -29.98 -4.57 -1.49
N GLN A 105 -29.30 -4.02 -2.49
CA GLN A 105 -27.90 -4.37 -2.72
C GLN A 105 -26.94 -3.51 -1.92
N HIS A 106 -27.39 -2.38 -1.37
CA HIS A 106 -26.52 -1.51 -0.62
C HIS A 106 -26.12 -2.14 0.71
N LEU A 107 -24.86 -1.97 1.09
CA LEU A 107 -24.39 -2.49 2.37
C LEU A 107 -24.69 -1.53 3.51
N ILE A 108 -24.36 -0.26 3.32
CA ILE A 108 -24.49 0.75 4.37
C ILE A 108 -25.81 1.50 4.20
N ARG A 109 -26.47 1.76 5.32
CA ARG A 109 -27.71 2.52 5.39
C ARG A 109 -27.57 3.58 6.47
N VAL A 110 -28.46 4.57 6.43
CA VAL A 110 -28.52 5.61 7.45
C VAL A 110 -29.94 5.65 7.99
N GLU A 111 -30.07 5.70 9.32
CA GLU A 111 -31.36 5.85 9.97
C GLU A 111 -31.37 7.15 10.76
N GLY A 112 -32.57 7.68 10.99
CA GLY A 112 -32.72 8.92 11.73
C GLY A 112 -32.78 10.17 10.87
N ASN A 113 -32.38 10.08 9.60
CA ASN A 113 -32.39 11.20 8.67
C ASN A 113 -33.36 10.93 7.55
N LEU A 114 -34.24 11.89 7.28
CA LEU A 114 -35.28 11.77 6.27
C LEU A 114 -34.87 12.36 4.92
N ARG A 115 -33.69 12.96 4.82
CA ARG A 115 -33.21 13.55 3.59
C ARG A 115 -32.03 12.75 3.02
N VAL A 116 -32.03 11.44 3.23
CA VAL A 116 -30.90 10.59 2.88
C VAL A 116 -31.02 10.18 1.42
N GLU A 117 -29.89 10.10 0.73
CA GLU A 117 -29.83 9.69 -0.66
C GLU A 117 -28.91 8.47 -0.80
N TYR A 118 -29.20 7.65 -1.82
CA TYR A 118 -28.40 6.47 -2.12
C TYR A 118 -27.99 6.53 -3.58
N LEU A 119 -26.68 6.54 -3.82
CA LEU A 119 -26.13 6.65 -5.16
C LEU A 119 -25.45 5.33 -5.55
N ASP A 120 -25.61 4.95 -6.82
CA ASP A 120 -25.01 3.75 -7.37
C ASP A 120 -23.84 4.02 -8.30
N ASP A 121 -23.69 5.26 -8.79
CA ASP A 121 -22.55 5.68 -9.61
C ASP A 121 -22.51 4.93 -10.94
N ARG A 122 -22.92 5.61 -12.01
CA ARG A 122 -22.95 4.98 -13.33
C ARG A 122 -21.58 4.63 -13.87
N ASN A 123 -20.51 5.17 -13.29
CA ASN A 123 -19.15 4.91 -13.77
C ASN A 123 -18.50 3.76 -12.99
N THR A 124 -18.28 3.96 -11.69
CA THR A 124 -17.58 2.97 -10.89
C THR A 124 -18.47 1.79 -10.52
N PHE A 125 -19.77 2.03 -10.31
CA PHE A 125 -20.78 1.03 -9.94
C PHE A 125 -20.68 0.66 -8.47
N ARG A 126 -20.10 1.55 -7.65
CA ARG A 126 -20.00 1.35 -6.22
C ARG A 126 -21.15 2.04 -5.51
N HIS A 127 -21.61 1.42 -4.42
CA HIS A 127 -22.74 1.93 -3.66
C HIS A 127 -22.24 2.97 -2.65
N SER A 128 -23.04 4.03 -2.48
CA SER A 128 -22.72 5.05 -1.49
C SER A 128 -24.01 5.64 -0.95
N VAL A 129 -23.94 6.22 0.25
CA VAL A 129 -25.10 6.81 0.89
C VAL A 129 -24.72 8.17 1.46
N VAL A 130 -25.47 9.21 1.10
CA VAL A 130 -25.13 10.59 1.44
C VAL A 130 -26.26 11.22 2.23
N VAL A 131 -25.91 12.15 3.11
CA VAL A 131 -26.88 12.87 3.92
C VAL A 131 -26.44 14.33 4.04
N PRO A 132 -27.35 15.29 4.01
CA PRO A 132 -26.94 16.69 4.15
C PRO A 132 -26.36 16.97 5.53
N TYR A 133 -25.25 17.72 5.56
CA TYR A 133 -24.59 18.03 6.82
C TYR A 133 -25.46 18.94 7.66
N GLU A 134 -25.44 18.70 8.97
CA GLU A 134 -26.16 19.53 9.93
C GLU A 134 -25.22 19.93 11.05
N PRO A 135 -25.27 21.18 11.49
CA PRO A 135 -24.39 21.62 12.57
C PRO A 135 -24.81 20.99 13.88
N PRO A 136 -23.95 21.00 14.90
CA PRO A 136 -24.36 20.50 16.21
C PRO A 136 -25.60 21.22 16.70
N GLU A 137 -26.52 20.45 17.29
CA GLU A 137 -27.83 20.96 17.64
C GLU A 137 -27.81 21.84 18.88
N VAL A 138 -28.64 21.51 19.86
CA VAL A 138 -28.70 22.25 21.13
C VAL A 138 -27.49 21.85 21.96
N GLY A 139 -26.50 22.74 22.03
CA GLY A 139 -25.36 22.54 22.91
C GLY A 139 -24.43 21.40 22.56
N SER A 140 -24.66 20.72 21.44
CA SER A 140 -23.79 19.61 21.06
C SER A 140 -22.46 20.13 20.54
N ASP A 141 -21.48 19.22 20.48
CA ASP A 141 -20.15 19.54 20.00
C ASP A 141 -19.80 18.81 18.70
N CYS A 142 -20.68 17.94 18.22
CA CYS A 142 -20.43 17.17 17.01
C CYS A 142 -21.77 16.81 16.37
N THR A 143 -21.72 16.10 15.25
CA THR A 143 -22.93 15.71 14.53
C THR A 143 -22.97 14.19 14.40
N THR A 144 -23.86 13.55 15.13
CA THR A 144 -23.95 12.10 15.16
C THR A 144 -24.82 11.59 14.01
N ILE A 145 -24.27 10.66 13.23
CA ILE A 145 -24.99 9.98 12.15
C ILE A 145 -25.11 8.51 12.52
N HIS A 146 -26.30 7.95 12.36
CA HIS A 146 -26.59 6.57 12.75
C HIS A 146 -26.54 5.69 11.50
N TYR A 147 -25.47 4.91 11.37
CA TYR A 147 -25.28 4.01 10.24
C TYR A 147 -25.75 2.60 10.58
N ASN A 148 -26.03 1.83 9.53
CA ASN A 148 -26.48 0.46 9.67
C ASN A 148 -25.79 -0.40 8.63
N TYR A 149 -25.28 -1.55 9.05
CA TYR A 149 -24.62 -2.48 8.15
C TYR A 149 -25.51 -3.70 7.98
N MET A 150 -25.94 -3.95 6.74
CA MET A 150 -26.95 -4.95 6.44
C MET A 150 -26.36 -6.25 5.92
N CYS A 151 -25.14 -6.59 6.33
CA CYS A 151 -24.51 -7.84 5.91
C CYS A 151 -23.39 -8.17 6.88
N ASN A 152 -23.33 -9.41 7.32
CA ASN A 152 -22.23 -9.86 8.17
C ASN A 152 -20.93 -9.93 7.36
N SER A 153 -19.80 -9.78 8.06
CA SER A 153 -18.50 -9.91 7.42
C SER A 153 -18.34 -11.29 6.80
N SER A 154 -18.81 -12.33 7.48
CA SER A 154 -18.68 -13.70 7.03
C SER A 154 -19.81 -14.13 6.09
N CYS A 155 -20.55 -13.18 5.53
CA CYS A 155 -21.67 -13.50 4.66
C CYS A 155 -21.14 -14.05 3.33
N MET A 156 -21.51 -15.29 3.02
CA MET A 156 -21.18 -15.87 1.73
C MET A 156 -22.00 -15.18 0.65
N GLY A 157 -21.32 -14.79 -0.44
CA GLY A 157 -21.95 -14.05 -1.50
C GLY A 157 -21.71 -12.55 -1.45
N GLY A 158 -21.32 -12.03 -0.29
CA GLY A 158 -21.06 -10.62 -0.14
C GLY A 158 -19.62 -10.36 0.21
N MET A 159 -19.37 -9.68 1.33
CA MET A 159 -18.00 -9.42 1.76
C MET A 159 -17.19 -10.70 1.88
N ASN A 160 -17.82 -11.78 2.39
CA ASN A 160 -17.21 -13.12 2.41
C ASN A 160 -15.87 -13.11 3.15
N ARG A 161 -15.94 -12.77 4.44
CA ARG A 161 -14.83 -12.73 5.37
C ARG A 161 -13.80 -11.65 5.04
N ARG A 162 -13.99 -10.89 3.97
CA ARG A 162 -13.00 -9.89 3.58
C ARG A 162 -13.15 -8.63 4.44
N PRO A 163 -12.05 -8.11 4.99
CA PRO A 163 -12.16 -6.88 5.80
C PRO A 163 -12.45 -5.67 4.93
N ILE A 164 -13.36 -4.83 5.40
CA ILE A 164 -13.81 -3.66 4.66
C ILE A 164 -13.56 -2.41 5.48
N LEU A 165 -13.25 -1.33 4.77
CA LEU A 165 -13.09 0.00 5.34
C LEU A 165 -14.28 0.85 4.93
N THR A 166 -14.79 1.64 5.86
CA THR A 166 -15.83 2.62 5.60
C THR A 166 -15.19 3.98 5.39
N ILE A 167 -15.48 4.60 4.25
CA ILE A 167 -14.92 5.89 3.88
C ILE A 167 -16.02 6.93 4.02
N ILE A 168 -15.78 7.93 4.88
CA ILE A 168 -16.69 9.04 5.12
C ILE A 168 -16.06 10.29 4.55
N THR A 169 -16.78 10.97 3.66
CA THR A 169 -16.26 12.15 2.99
C THR A 169 -17.22 13.33 3.15
N LEU A 170 -16.64 14.52 3.22
CA LEU A 170 -17.39 15.77 3.18
C LEU A 170 -17.26 16.37 1.79
N GLU A 171 -18.36 16.86 1.24
CA GLU A 171 -18.32 17.48 -0.08
C GLU A 171 -19.34 18.60 -0.14
N ASP A 172 -19.11 19.55 -1.04
CA ASP A 172 -20.03 20.67 -1.20
C ASP A 172 -21.23 20.21 -2.02
N SER A 173 -22.05 21.17 -2.46
CA SER A 173 -23.26 20.84 -3.21
C SER A 173 -22.93 20.18 -4.54
N SER A 174 -21.82 20.56 -5.17
CA SER A 174 -21.45 19.98 -6.45
C SER A 174 -20.86 18.58 -6.29
N GLY A 175 -19.91 18.42 -5.38
CA GLY A 175 -19.32 17.12 -5.14
C GLY A 175 -17.83 17.15 -4.83
N ASN A 176 -17.21 18.32 -4.99
CA ASN A 176 -15.79 18.46 -4.74
C ASN A 176 -15.45 18.13 -3.28
N LEU A 177 -14.28 17.52 -3.09
CA LEU A 177 -13.90 17.00 -1.79
C LEU A 177 -13.51 18.12 -0.84
N LEU A 178 -13.92 17.98 0.42
CA LEU A 178 -13.59 18.91 1.49
C LEU A 178 -13.00 18.26 2.72
N GLY A 179 -13.20 16.96 2.93
CA GLY A 179 -12.68 16.24 4.08
C GLY A 179 -12.85 14.75 3.89
N ARG A 180 -11.96 13.95 4.49
CA ARG A 180 -12.06 12.51 4.33
C ARG A 180 -11.45 11.81 5.54
N ASN A 181 -12.14 10.76 5.99
CA ASN A 181 -11.65 9.88 7.04
C ASN A 181 -12.20 8.49 6.79
N SER A 182 -11.48 7.48 7.28
CA SER A 182 -11.89 6.10 7.07
C SER A 182 -11.60 5.28 8.32
N PHE A 183 -12.21 4.09 8.37
CA PHE A 183 -12.04 3.18 9.50
C PHE A 183 -12.47 1.78 9.08
N GLU A 184 -11.88 0.78 9.73
CA GLU A 184 -12.20 -0.60 9.44
C GLU A 184 -13.49 -1.01 10.17
N VAL A 185 -14.24 -1.92 9.55
CA VAL A 185 -15.52 -2.37 10.09
C VAL A 185 -15.56 -3.88 10.05
N ARG A 186 -15.96 -4.50 11.16
CA ARG A 186 -16.19 -5.93 11.23
C ARG A 186 -17.60 -6.17 11.77
N VAL A 187 -18.47 -6.73 10.94
CA VAL A 187 -19.82 -7.09 11.35
C VAL A 187 -19.79 -8.52 11.85
N CYS A 188 -19.95 -8.70 13.15
CA CYS A 188 -19.85 -10.01 13.77
C CYS A 188 -20.93 -10.16 14.84
N ALA A 189 -21.03 -11.36 15.38
CA ALA A 189 -22.04 -11.62 16.42
C ALA A 189 -21.63 -11.00 17.74
N CYS A 190 -20.39 -11.19 18.16
CA CYS A 190 -19.88 -10.64 19.42
C CYS A 190 -18.88 -9.54 19.13
N PRO A 191 -19.31 -8.28 19.03
CA PRO A 191 -18.35 -7.20 18.73
C PRO A 191 -17.31 -7.01 19.83
N GLY A 192 -17.71 -7.12 21.10
CA GLY A 192 -16.76 -6.93 22.18
C GLY A 192 -15.70 -8.02 22.21
N ARG A 193 -16.13 -9.28 22.19
CA ARG A 193 -15.20 -10.40 22.18
C ARG A 193 -14.20 -10.30 21.03
N ASP A 194 -14.68 -9.96 19.82
CA ASP A 194 -13.78 -9.87 18.68
C ASP A 194 -12.85 -8.66 18.82
N ARG A 195 -13.34 -7.56 19.38
CA ARG A 195 -12.49 -6.39 19.58
C ARG A 195 -11.35 -6.71 20.53
N ARG A 196 -11.68 -7.29 21.69
CA ARG A 196 -10.63 -7.69 22.63
C ARG A 196 -9.68 -8.71 21.98
N THR A 197 -10.24 -9.62 21.18
CA THR A 197 -9.42 -10.66 20.55
C THR A 197 -8.38 -10.07 19.62
N GLU A 198 -8.80 -9.14 18.74
CA GLU A 198 -7.84 -8.55 17.81
C GLU A 198 -6.91 -7.58 18.52
N GLU A 199 -7.44 -6.85 19.52
CA GLU A 199 -6.61 -5.91 20.27
C GLU A 199 -5.46 -6.59 20.97
N GLU A 200 -5.75 -7.66 21.72
CA GLU A 200 -4.64 -8.44 22.27
C GLU A 200 -3.82 -9.02 21.14
N ASN A 201 -4.48 -9.59 20.12
CA ASN A 201 -3.83 -10.18 18.97
C ASN A 201 -2.93 -9.17 18.27
N LEU A 202 -2.89 -7.95 18.81
CA LEU A 202 -2.07 -6.85 18.30
C LEU A 202 -0.99 -6.44 19.28
N ARG A 203 -1.32 -6.27 20.56
CA ARG A 203 -0.27 -5.92 21.50
C ARG A 203 0.65 -7.11 21.80
N LYS A 204 0.22 -8.33 21.48
CA LYS A 204 1.05 -9.52 21.65
C LYS A 204 2.18 -9.62 20.63
N LYS A 205 2.12 -8.84 19.54
CA LYS A 205 3.21 -8.86 18.57
C LYS A 205 4.47 -8.23 19.12
N GLY A 206 4.34 -7.26 20.02
CA GLY A 206 5.50 -6.61 20.62
C GLY A 206 6.13 -7.43 21.72
N SER B 9 7.83 -2.89 -12.48
CA SER B 9 8.70 -1.72 -12.44
C SER B 9 9.29 -1.52 -11.05
N VAL B 10 8.70 -2.17 -10.06
CA VAL B 10 9.14 -2.06 -8.67
C VAL B 10 9.40 -3.45 -8.11
N PRO B 11 10.55 -3.68 -7.46
CA PRO B 11 10.79 -4.98 -6.85
C PRO B 11 10.04 -5.14 -5.54
N SER B 12 9.60 -6.37 -5.28
CA SER B 12 8.82 -6.66 -4.09
C SER B 12 9.67 -6.50 -2.83
N GLN B 13 9.02 -6.18 -1.72
CA GLN B 13 9.67 -6.02 -0.43
C GLN B 13 8.98 -6.82 0.67
N LYS B 14 8.16 -7.80 0.30
CA LYS B 14 7.42 -8.57 1.28
C LYS B 14 8.35 -9.58 1.95
N THR B 15 8.23 -9.67 3.28
CA THR B 15 9.01 -10.64 4.05
C THR B 15 8.60 -12.06 3.69
N TYR B 16 9.51 -12.77 3.02
CA TYR B 16 9.30 -14.18 2.65
C TYR B 16 10.47 -14.97 3.22
N GLN B 17 10.25 -15.65 4.35
CA GLN B 17 11.32 -16.41 4.96
C GLN B 17 11.70 -17.61 4.10
N GLY B 18 10.72 -18.26 3.50
CA GLY B 18 10.98 -19.37 2.59
C GLY B 18 11.09 -20.70 3.30
N SER B 19 11.58 -21.68 2.53
CA SER B 19 11.71 -23.04 3.04
C SER B 19 12.91 -23.21 3.97
N TYR B 20 13.90 -22.33 3.88
CA TYR B 20 15.09 -22.42 4.71
C TYR B 20 15.04 -21.51 5.93
N GLY B 21 14.01 -20.68 6.06
CA GLY B 21 13.92 -19.78 7.18
C GLY B 21 14.92 -18.65 7.11
N PHE B 22 14.95 -17.95 5.98
CA PHE B 22 15.88 -16.85 5.80
C PHE B 22 15.53 -15.70 6.73
N ARG B 23 16.52 -15.23 7.51
CA ARG B 23 16.31 -14.15 8.45
C ARG B 23 17.52 -13.24 8.45
N LEU B 24 17.34 -12.03 8.96
CA LEU B 24 18.39 -11.03 9.04
C LEU B 24 18.83 -10.80 10.49
N GLY B 25 20.11 -10.49 10.65
CA GLY B 25 20.67 -10.21 11.96
C GLY B 25 21.50 -8.95 11.93
N PHE B 26 21.46 -8.18 13.01
CA PHE B 26 22.22 -6.95 13.12
C PHE B 26 22.98 -6.93 14.45
N LEU B 27 23.69 -5.83 14.68
CA LEU B 27 24.43 -5.64 15.92
C LEU B 27 23.54 -4.96 16.97
N VAL B 35 30.68 6.06 16.18
CA VAL B 35 30.25 4.69 15.88
C VAL B 35 30.13 4.51 14.37
N THR B 36 30.65 3.38 13.87
CA THR B 36 30.61 3.11 12.44
C THR B 36 29.24 2.64 11.98
N CYS B 37 28.45 2.02 12.86
CA CYS B 37 27.17 1.45 12.47
C CYS B 37 26.35 1.14 13.71
N THR B 38 25.05 1.42 13.63
CA THR B 38 24.13 0.99 14.68
C THR B 38 22.76 0.74 14.04
N TYR B 39 22.06 -0.27 14.53
CA TYR B 39 20.77 -0.66 13.97
C TYR B 39 19.70 -0.47 15.04
N SER B 40 18.65 0.29 14.68
CA SER B 40 17.52 0.51 15.56
C SER B 40 16.45 -0.55 15.26
N PRO B 41 16.19 -1.49 16.18
CA PRO B 41 15.14 -2.49 15.92
C PRO B 41 13.74 -1.91 16.02
N ALA B 42 13.50 -0.97 16.93
CA ALA B 42 12.17 -0.37 17.05
C ALA B 42 11.79 0.35 15.76
N LEU B 43 12.71 1.13 15.22
CA LEU B 43 12.48 1.79 13.94
C LEU B 43 12.78 0.89 12.76
N ASN B 44 13.42 -0.25 12.99
CA ASN B 44 13.87 -1.14 11.91
C ASN B 44 14.74 -0.39 10.91
N LYS B 45 15.56 0.53 11.42
CA LYS B 45 16.32 1.44 10.58
C LYS B 45 17.81 1.27 10.85
N MET B 46 18.59 1.13 9.79
CA MET B 46 20.04 1.00 9.90
C MET B 46 20.69 2.37 9.75
N PHE B 47 21.35 2.83 10.81
CA PHE B 47 22.09 4.08 10.82
C PHE B 47 23.56 3.77 10.56
N CYS B 48 24.05 4.20 9.39
CA CYS B 48 25.39 3.87 8.93
C CYS B 48 26.11 5.15 8.48
N GLN B 49 27.43 5.07 8.42
CA GLN B 49 28.26 6.18 7.96
C GLN B 49 28.80 5.90 6.57
N LEU B 50 29.15 6.99 5.87
CA LEU B 50 29.60 6.86 4.48
C LEU B 50 30.88 6.05 4.40
N ALA B 51 30.87 5.05 3.50
CA ALA B 51 32.00 4.17 3.23
C ALA B 51 32.42 3.35 4.43
N LYS B 52 31.60 3.29 5.48
CA LYS B 52 31.94 2.54 6.68
C LYS B 52 31.37 1.13 6.60
N THR B 53 32.00 0.22 7.33
CA THR B 53 31.57 -1.18 7.32
C THR B 53 30.25 -1.33 8.07
N CYS B 54 29.27 -1.94 7.41
CA CYS B 54 27.95 -2.17 7.99
C CYS B 54 27.54 -3.61 7.75
N PRO B 55 27.64 -4.48 8.75
CA PRO B 55 27.44 -5.91 8.54
C PRO B 55 25.98 -6.30 8.62
N VAL B 56 25.66 -7.40 7.94
CA VAL B 56 24.33 -8.00 7.94
C VAL B 56 24.48 -9.50 8.09
N GLN B 57 23.78 -10.08 9.07
CA GLN B 57 23.84 -11.51 9.32
C GLN B 57 22.71 -12.22 8.59
N LEU B 58 23.01 -13.42 8.10
CA LEU B 58 22.05 -14.27 7.43
C LEU B 58 21.82 -15.50 8.31
N TRP B 59 20.58 -15.66 8.77
CA TRP B 59 20.19 -16.76 9.64
C TRP B 59 19.31 -17.72 8.86
N VAL B 60 19.60 -19.02 8.98
CA VAL B 60 18.83 -20.05 8.29
C VAL B 60 18.65 -21.23 9.23
N ASP B 61 17.46 -21.83 9.19
CA ASP B 61 17.23 -23.07 9.94
C ASP B 61 17.70 -24.29 9.15
N SER B 62 17.69 -24.20 7.83
CA SER B 62 18.18 -25.24 6.94
C SER B 62 19.20 -24.63 6.00
N THR B 63 20.27 -25.37 5.72
CA THR B 63 21.34 -24.84 4.90
C THR B 63 20.94 -24.85 3.43
N PRO B 64 20.97 -23.71 2.74
CA PRO B 64 20.69 -23.71 1.31
C PRO B 64 21.72 -24.53 0.57
N PRO B 65 21.37 -25.06 -0.60
CA PRO B 65 22.31 -25.88 -1.36
C PRO B 65 23.48 -25.06 -1.86
N PRO B 66 24.59 -25.69 -2.20
CA PRO B 66 25.71 -24.95 -2.79
C PRO B 66 25.31 -24.35 -4.14
N GLY B 67 25.63 -23.08 -4.32
CA GLY B 67 25.22 -22.32 -5.48
C GLY B 67 24.22 -21.23 -5.16
N THR B 68 23.68 -21.21 -3.95
CA THR B 68 22.75 -20.16 -3.55
C THR B 68 23.44 -18.80 -3.56
N ARG B 69 22.77 -17.81 -4.14
CA ARG B 69 23.28 -16.46 -4.31
C ARG B 69 22.45 -15.48 -3.50
N VAL B 70 23.13 -14.56 -2.82
CA VAL B 70 22.50 -13.55 -1.98
C VAL B 70 22.58 -12.22 -2.71
N ARG B 71 21.43 -11.54 -2.82
CA ARG B 71 21.34 -10.28 -3.55
C ARG B 71 20.91 -9.16 -2.62
N ALA B 72 21.41 -7.96 -2.91
CA ALA B 72 21.09 -6.74 -2.18
C ALA B 72 20.75 -5.64 -3.17
N MET B 73 19.70 -4.89 -2.86
CA MET B 73 19.20 -3.82 -3.70
C MET B 73 18.47 -2.80 -2.84
N ALA B 74 18.58 -1.53 -3.22
CA ALA B 74 17.95 -0.44 -2.48
C ALA B 74 16.80 0.16 -3.27
N ILE B 75 15.69 0.43 -2.58
CA ILE B 75 14.55 1.12 -3.16
C ILE B 75 14.18 2.30 -2.28
N TYR B 76 13.52 3.29 -2.87
CA TYR B 76 13.08 4.45 -2.11
C TYR B 76 11.82 4.11 -1.32
N LYS B 77 11.87 4.32 -0.01
CA LYS B 77 10.74 3.95 0.85
C LYS B 77 9.50 4.79 0.54
N GLN B 78 9.68 6.04 0.12
CA GLN B 78 8.54 6.92 -0.11
C GLN B 78 7.72 6.42 -1.30
N SER B 79 6.39 6.45 -1.14
CA SER B 79 5.51 5.98 -2.19
C SER B 79 5.72 6.74 -3.50
N GLN B 80 5.93 8.05 -3.41
CA GLN B 80 6.15 8.90 -4.58
C GLN B 80 7.55 8.78 -5.16
N HIS B 81 8.34 7.80 -4.71
CA HIS B 81 9.69 7.62 -5.25
C HIS B 81 10.07 6.16 -5.42
N MET B 82 9.12 5.23 -5.28
CA MET B 82 9.44 3.81 -5.41
C MET B 82 9.94 3.50 -6.82
N THR B 83 9.32 4.12 -7.84
CA THR B 83 9.75 3.87 -9.21
C THR B 83 11.09 4.53 -9.53
N GLU B 84 11.53 5.46 -8.70
CA GLU B 84 12.81 6.12 -8.94
C GLU B 84 13.96 5.18 -8.62
N VAL B 85 14.97 5.18 -9.50
CA VAL B 85 16.12 4.29 -9.34
C VAL B 85 17.09 4.90 -8.34
N VAL B 86 17.39 4.17 -7.27
CA VAL B 86 18.32 4.64 -6.25
C VAL B 86 19.73 4.62 -6.84
N ARG B 87 20.23 5.79 -7.22
CA ARG B 87 21.54 5.92 -7.83
C ARG B 87 22.46 6.75 -6.94
N ARG B 88 23.76 6.56 -7.14
CA ARG B 88 24.75 7.33 -6.42
C ARG B 88 24.79 8.76 -6.95
N CYS B 89 25.05 9.71 -6.06
CA CYS B 89 25.02 11.11 -6.47
C CYS B 89 26.21 11.43 -7.37
N PRO B 90 26.03 12.25 -8.41
CA PRO B 90 27.14 12.55 -9.33
C PRO B 90 28.33 13.21 -8.66
N HIS B 91 28.15 13.85 -7.51
CA HIS B 91 29.29 14.43 -6.80
C HIS B 91 30.20 13.35 -6.25
N HIS B 92 29.62 12.31 -5.63
CA HIS B 92 30.42 11.22 -5.09
C HIS B 92 30.93 10.28 -6.17
N GLU B 93 30.25 10.21 -7.33
CA GLU B 93 30.72 9.36 -8.43
C GLU B 93 31.97 9.91 -9.11
N ARG B 94 32.37 11.15 -8.82
CA ARG B 94 33.61 11.70 -9.37
C ARG B 94 34.84 11.49 -8.49
N CYS B 95 34.67 10.97 -7.27
CA CYS B 95 35.84 10.70 -6.43
C CYS B 95 36.65 9.55 -6.99
N GLY B 100 38.67 0.70 -7.35
CA GLY B 100 37.25 0.49 -7.11
C GLY B 100 36.66 -0.60 -7.99
N LEU B 101 36.58 -1.81 -7.44
CA LEU B 101 36.03 -2.93 -8.20
C LEU B 101 34.54 -2.75 -8.52
N ALA B 102 33.83 -1.95 -7.72
CA ALA B 102 32.43 -1.69 -7.98
C ALA B 102 32.27 -0.52 -8.95
N PRO B 103 31.21 -0.52 -9.76
CA PRO B 103 30.97 0.62 -10.63
C PRO B 103 30.69 1.86 -9.81
N PRO B 104 31.02 3.05 -10.34
CA PRO B 104 30.84 4.28 -9.56
C PRO B 104 29.39 4.67 -9.34
N GLN B 105 28.44 4.06 -10.06
CA GLN B 105 27.04 4.40 -9.92
C GLN B 105 26.33 3.58 -8.85
N HIS B 106 26.93 2.47 -8.42
CA HIS B 106 26.31 1.62 -7.42
C HIS B 106 26.48 2.22 -6.04
N LEU B 107 25.39 2.29 -5.28
CA LEU B 107 25.46 2.79 -3.91
C LEU B 107 25.97 1.73 -2.95
N ILE B 108 25.46 0.51 -3.05
CA ILE B 108 25.77 -0.57 -2.12
C ILE B 108 26.98 -1.34 -2.63
N ARG B 109 27.91 -1.63 -1.72
CA ARG B 109 29.10 -2.42 -2.01
C ARG B 109 29.23 -3.53 -1.00
N VAL B 110 30.04 -4.53 -1.33
CA VAL B 110 30.37 -5.63 -0.43
C VAL B 110 31.88 -5.67 -0.29
N GLU B 111 32.38 -5.40 0.91
CA GLU B 111 33.81 -5.41 1.18
C GLU B 111 34.22 -6.71 1.86
N GLY B 112 35.46 -7.13 1.61
CA GLY B 112 36.01 -8.33 2.17
C GLY B 112 35.72 -9.60 1.38
N ASN B 113 34.77 -9.56 0.46
CA ASN B 113 34.41 -10.69 -0.37
C ASN B 113 34.93 -10.45 -1.79
N LEU B 114 35.77 -11.35 -2.29
CA LEU B 114 36.31 -11.20 -3.63
C LEU B 114 35.35 -11.71 -4.71
N ARG B 115 34.49 -12.68 -4.37
CA ARG B 115 33.52 -13.25 -5.30
C ARG B 115 32.27 -12.40 -5.45
N VAL B 116 32.42 -11.08 -5.45
CA VAL B 116 31.30 -10.15 -5.46
C VAL B 116 30.95 -9.78 -6.90
N GLU B 117 29.65 -9.72 -7.19
CA GLU B 117 29.13 -9.40 -8.50
C GLU B 117 28.27 -8.15 -8.41
N TYR B 118 28.41 -7.26 -9.39
CA TYR B 118 27.61 -6.05 -9.48
C TYR B 118 26.82 -6.07 -10.78
N LEU B 119 25.51 -5.86 -10.68
CA LEU B 119 24.61 -5.99 -11.82
C LEU B 119 23.77 -4.74 -11.96
N ASP B 120 23.67 -4.25 -13.20
CA ASP B 120 22.76 -3.18 -13.57
C ASP B 120 21.66 -3.80 -14.44
N ASP B 121 20.46 -3.89 -13.90
CA ASP B 121 19.37 -4.60 -14.58
C ASP B 121 19.09 -3.97 -15.93
N ARG B 122 18.83 -4.82 -16.93
CA ARG B 122 18.58 -4.35 -18.29
C ARG B 122 17.17 -3.84 -18.48
N ASN B 123 16.21 -4.26 -17.65
CA ASN B 123 14.82 -3.84 -17.80
C ASN B 123 14.41 -2.77 -16.81
N THR B 124 14.77 -2.91 -15.54
CA THR B 124 14.41 -1.94 -14.52
C THR B 124 15.41 -0.80 -14.41
N PHE B 125 16.70 -1.09 -14.63
CA PHE B 125 17.84 -0.18 -14.57
C PHE B 125 18.33 -0.02 -13.14
N ARG B 126 17.84 -0.84 -12.22
CA ARG B 126 18.24 -0.76 -10.82
C ARG B 126 19.54 -1.51 -10.59
N HIS B 127 20.33 -1.00 -9.65
CA HIS B 127 21.59 -1.63 -9.28
C HIS B 127 21.35 -2.69 -8.22
N SER B 128 22.12 -3.77 -8.29
CA SER B 128 22.06 -4.83 -7.28
C SER B 128 23.44 -5.46 -7.15
N VAL B 129 23.73 -5.99 -5.96
CA VAL B 129 25.01 -6.64 -5.70
C VAL B 129 24.74 -8.05 -5.17
N VAL B 130 25.45 -9.04 -5.71
CA VAL B 130 25.22 -10.44 -5.41
C VAL B 130 26.52 -11.08 -4.95
N VAL B 131 26.47 -11.81 -3.84
CA VAL B 131 27.59 -12.61 -3.37
C VAL B 131 27.09 -14.02 -3.05
N PRO B 132 27.85 -15.06 -3.38
CA PRO B 132 27.37 -16.42 -3.10
C PRO B 132 27.27 -16.69 -1.61
N TYR B 133 26.19 -17.37 -1.22
CA TYR B 133 25.98 -17.70 0.18
C TYR B 133 27.02 -18.71 0.65
N GLU B 134 27.47 -18.54 1.89
CA GLU B 134 28.42 -19.45 2.52
C GLU B 134 27.89 -19.83 3.89
N PRO B 135 27.94 -21.12 4.26
CA PRO B 135 27.49 -21.53 5.60
C PRO B 135 28.36 -20.92 6.68
N PRO B 136 27.88 -20.86 7.92
CA PRO B 136 28.70 -20.33 9.01
C PRO B 136 29.95 -21.17 9.22
N GLU B 137 30.92 -20.57 9.93
CA GLU B 137 32.24 -21.16 10.12
C GLU B 137 32.46 -21.47 11.60
N VAL B 138 32.94 -22.69 11.88
CA VAL B 138 33.28 -23.13 13.23
C VAL B 138 32.10 -22.96 14.16
N GLY B 139 32.22 -22.01 15.09
CA GLY B 139 31.17 -21.74 16.06
C GLY B 139 30.13 -20.74 15.61
N SER B 140 30.28 -20.17 14.42
CA SER B 140 29.29 -19.22 13.92
C SER B 140 27.97 -19.91 13.65
N ASP B 141 26.89 -19.14 13.77
CA ASP B 141 25.54 -19.65 13.51
C ASP B 141 24.83 -18.85 12.43
N CYS B 142 25.53 -17.92 11.78
CA CYS B 142 24.94 -17.07 10.76
C CYS B 142 26.06 -16.51 9.90
N THR B 143 25.72 -16.15 8.66
CA THR B 143 26.72 -15.72 7.69
C THR B 143 26.75 -14.20 7.60
N THR B 144 27.91 -13.61 7.85
CA THR B 144 28.03 -12.15 7.88
C THR B 144 28.46 -11.62 6.52
N ILE B 145 27.76 -10.59 6.04
CA ILE B 145 28.10 -9.89 4.81
C ILE B 145 28.34 -8.43 5.17
N HIS B 146 29.52 -7.92 4.82
CA HIS B 146 29.88 -6.55 5.15
C HIS B 146 29.49 -5.64 3.98
N TYR B 147 28.49 -4.79 4.19
CA TYR B 147 28.02 -3.87 3.18
C TYR B 147 28.58 -2.47 3.41
N ASN B 148 28.62 -1.69 2.32
CA ASN B 148 29.08 -0.31 2.35
C ASN B 148 28.10 0.57 1.58
N TYR B 149 27.80 1.74 2.12
CA TYR B 149 26.95 2.74 1.47
C TYR B 149 27.81 3.95 1.14
N MET B 150 28.04 4.17 -0.16
CA MET B 150 28.97 5.19 -0.62
C MET B 150 28.31 6.56 -0.84
N CYS B 151 27.21 6.84 -0.15
CA CYS B 151 26.56 8.14 -0.23
C CYS B 151 25.74 8.36 1.02
N ASN B 152 25.60 9.63 1.39
CA ASN B 152 24.71 10.01 2.47
C ASN B 152 23.27 10.07 1.97
N SER B 153 22.32 9.97 2.91
CA SER B 153 20.92 10.08 2.54
C SER B 153 20.58 11.50 2.06
N SER B 154 21.21 12.52 2.64
CA SER B 154 20.98 13.90 2.26
C SER B 154 21.66 14.31 0.96
N CYS B 155 22.59 13.50 0.46
CA CYS B 155 23.34 13.77 -0.77
C CYS B 155 22.48 14.35 -1.89
N MET B 156 22.70 15.62 -2.19
CA MET B 156 22.06 16.26 -3.33
C MET B 156 22.51 15.59 -4.62
N GLY B 157 21.55 15.29 -5.50
CA GLY B 157 21.83 14.57 -6.71
C GLY B 157 21.61 13.08 -6.63
N GLY B 158 21.60 12.52 -5.43
CA GLY B 158 21.39 11.10 -5.23
C GLY B 158 20.12 10.83 -4.47
N MET B 159 20.23 10.13 -3.34
CA MET B 159 19.05 9.86 -2.52
C MET B 159 18.27 11.13 -2.20
N ASN B 160 18.98 12.21 -1.89
CA ASN B 160 18.37 13.51 -1.65
C ASN B 160 17.31 13.43 -0.55
N ARG B 161 17.78 13.09 0.66
CA ARG B 161 16.97 13.05 1.87
C ARG B 161 15.95 11.91 1.88
N ARG B 162 15.69 11.32 0.72
CA ARG B 162 14.74 10.21 0.63
C ARG B 162 15.25 8.98 1.37
N PRO B 163 14.51 8.46 2.34
CA PRO B 163 14.94 7.22 3.00
C PRO B 163 14.79 6.02 2.08
N ILE B 164 15.70 5.06 2.24
CA ILE B 164 15.75 3.89 1.37
C ILE B 164 15.56 2.62 2.19
N LEU B 165 15.39 1.52 1.47
CA LEU B 165 15.25 0.19 2.03
C LEU B 165 16.16 -0.75 1.27
N THR B 166 17.01 -1.47 1.99
CA THR B 166 17.87 -2.48 1.40
C THR B 166 17.14 -3.81 1.39
N ILE B 167 16.95 -4.39 0.21
CA ILE B 167 16.21 -5.63 0.04
C ILE B 167 17.22 -6.76 -0.18
N ILE B 168 17.33 -7.64 0.81
CA ILE B 168 18.20 -8.80 0.73
C ILE B 168 17.34 -9.98 0.27
N THR B 169 17.53 -10.42 -0.96
CA THR B 169 16.83 -11.59 -1.47
C THR B 169 17.77 -12.78 -1.52
N LEU B 170 17.28 -13.93 -1.09
CA LEU B 170 18.03 -15.18 -1.12
C LEU B 170 17.54 -16.00 -2.30
N GLU B 171 18.32 -16.03 -3.37
CA GLU B 171 17.90 -16.70 -4.61
C GLU B 171 18.85 -17.84 -4.94
N ASP B 172 18.42 -18.68 -5.87
CA ASP B 172 19.24 -19.79 -6.33
C ASP B 172 20.11 -19.34 -7.51
N SER B 173 20.95 -20.27 -8.00
CA SER B 173 21.85 -19.96 -9.11
C SER B 173 21.10 -19.44 -10.33
N SER B 174 19.86 -19.86 -10.53
CA SER B 174 19.10 -19.45 -11.70
C SER B 174 18.36 -18.13 -11.52
N GLY B 175 18.23 -17.65 -10.28
CA GLY B 175 17.50 -16.43 -10.01
C GLY B 175 16.17 -16.61 -9.32
N ASN B 176 15.72 -17.85 -9.16
CA ASN B 176 14.44 -18.10 -8.49
C ASN B 176 14.48 -17.65 -7.04
N LEU B 177 13.38 -17.05 -6.59
CA LEU B 177 13.30 -16.50 -5.24
C LEU B 177 13.12 -17.61 -4.22
N LEU B 178 13.90 -17.56 -3.15
CA LEU B 178 13.80 -18.48 -2.04
C LEU B 178 13.53 -17.80 -0.71
N GLY B 179 14.04 -16.59 -0.51
CA GLY B 179 13.80 -15.86 0.71
C GLY B 179 14.03 -14.38 0.48
N ARG B 180 13.31 -13.56 1.25
CA ARG B 180 13.43 -12.11 1.12
C ARG B 180 13.25 -11.46 2.49
N ASN B 181 14.12 -10.48 2.77
CA ASN B 181 13.99 -9.65 3.95
C ASN B 181 14.53 -8.26 3.61
N SER B 182 14.06 -7.25 4.34
CA SER B 182 14.44 -5.87 4.06
C SER B 182 14.52 -5.09 5.36
N PHE B 183 15.07 -3.88 5.26
CA PHE B 183 15.23 -2.98 6.39
C PHE B 183 15.53 -1.59 5.86
N GLU B 184 15.21 -0.58 6.67
CA GLU B 184 15.45 0.81 6.29
C GLU B 184 16.91 1.18 6.51
N VAL B 185 17.37 2.16 5.73
CA VAL B 185 18.77 2.58 5.74
C VAL B 185 18.82 4.10 5.81
N ARG B 186 19.62 4.63 6.73
CA ARG B 186 19.91 6.06 6.82
C ARG B 186 21.41 6.22 6.94
N VAL B 187 22.01 6.88 5.96
CA VAL B 187 23.45 7.16 5.97
C VAL B 187 23.65 8.63 6.32
N CYS B 188 24.35 8.88 7.42
CA CYS B 188 24.61 10.24 7.88
C CYS B 188 25.97 10.26 8.56
N ALA B 189 26.37 11.46 9.02
CA ALA B 189 27.68 11.62 9.65
C ALA B 189 27.66 11.25 11.13
N CYS B 190 26.49 11.21 11.77
CA CYS B 190 26.37 10.88 13.18
C CYS B 190 25.29 9.81 13.35
N PRO B 191 25.68 8.54 13.37
CA PRO B 191 24.65 7.48 13.41
C PRO B 191 23.95 7.38 14.76
N GLY B 192 24.67 7.55 15.86
CA GLY B 192 24.05 7.41 17.17
C GLY B 192 23.07 8.52 17.48
N ARG B 193 23.51 9.77 17.31
CA ARG B 193 22.63 10.91 17.55
C ARG B 193 21.38 10.82 16.70
N ASP B 194 21.53 10.58 15.39
CA ASP B 194 20.37 10.47 14.53
C ASP B 194 19.50 9.27 14.88
N ARG B 195 20.11 8.20 15.40
CA ARG B 195 19.34 7.06 15.88
C ARG B 195 18.40 7.47 17.00
N ARG B 196 18.94 8.11 18.05
CA ARG B 196 18.08 8.56 19.14
C ARG B 196 17.15 9.68 18.69
N THR B 197 17.52 10.40 17.63
CA THR B 197 16.70 11.50 17.14
C THR B 197 15.44 10.99 16.46
N GLU B 198 15.61 10.11 15.47
CA GLU B 198 14.44 9.47 14.85
C GLU B 198 13.68 8.63 15.87
N GLU B 199 14.39 8.06 16.86
CA GLU B 199 13.72 7.28 17.88
C GLU B 199 12.81 8.14 18.74
N GLU B 200 13.23 9.38 19.01
CA GLU B 200 12.37 10.31 19.74
C GLU B 200 11.27 10.86 18.85
N ASN B 201 11.60 11.23 17.61
CA ASN B 201 10.65 11.80 16.67
C ASN B 201 9.43 10.90 16.45
N LEU B 202 8.56 10.83 17.46
CA LEU B 202 7.35 10.03 17.36
C LEU B 202 6.32 10.46 18.40
N ALA C 4 -37.36 -22.78 4.25
CA ALA C 4 -36.20 -21.97 3.94
C ALA C 4 -35.14 -22.77 3.18
N LEU C 5 -35.04 -24.07 3.50
CA LEU C 5 -34.00 -24.91 2.93
C LEU C 5 -34.20 -25.08 1.42
N GLU C 6 -35.33 -25.69 1.03
CA GLU C 6 -35.54 -26.02 -0.38
C GLU C 6 -35.53 -24.78 -1.26
N GLU C 7 -35.95 -23.63 -0.73
CA GLU C 7 -35.92 -22.40 -1.51
C GLU C 7 -34.50 -21.85 -1.62
N GLN C 8 -33.77 -21.81 -0.50
CA GLN C 8 -32.39 -21.31 -0.52
C GLN C 8 -31.46 -22.19 -1.35
N ARG C 9 -31.82 -23.46 -1.56
CA ARG C 9 -31.04 -24.30 -2.46
C ARG C 9 -31.07 -23.76 -3.88
N GLY C 10 -32.13 -23.04 -4.23
CA GLY C 10 -32.24 -22.38 -5.52
C GLY C 10 -32.97 -23.21 -6.54
N PRO C 11 -33.27 -22.60 -7.69
CA PRO C 11 -33.97 -23.33 -8.75
C PRO C 11 -33.01 -23.83 -9.81
N LEU C 12 -33.54 -24.29 -10.90
CA LEU C 12 -32.67 -24.65 -12.01
C LEU C 12 -32.52 -23.47 -12.96
N PRO C 13 -31.39 -23.35 -13.66
CA PRO C 13 -31.17 -22.18 -14.51
C PRO C 13 -32.06 -22.22 -15.74
N LEU C 14 -32.79 -21.13 -15.96
CA LEU C 14 -33.58 -21.02 -17.19
C LEU C 14 -32.68 -20.96 -18.42
N ASN C 15 -31.57 -20.24 -18.31
CA ASN C 15 -30.60 -20.17 -19.39
C ASN C 15 -29.90 -21.51 -19.51
N LYS C 16 -30.25 -22.28 -20.54
CA LYS C 16 -29.68 -23.61 -20.71
C LYS C 16 -28.18 -23.58 -20.87
N THR C 17 -27.60 -22.42 -21.22
CA THR C 17 -26.16 -22.29 -21.38
C THR C 17 -25.58 -21.31 -20.36
N LEU C 18 -26.00 -21.42 -19.11
CA LEU C 18 -25.52 -20.51 -18.08
C LEU C 18 -24.08 -20.80 -17.70
N PHE C 19 -23.75 -22.08 -17.48
CA PHE C 19 -22.41 -22.51 -17.10
C PHE C 19 -21.63 -23.06 -18.28
N LEU C 20 -21.96 -22.64 -19.50
CA LEU C 20 -21.26 -23.11 -20.68
C LEU C 20 -19.82 -22.62 -20.66
N GLY C 21 -18.87 -23.55 -20.78
CA GLY C 21 -17.46 -23.23 -20.75
C GLY C 21 -16.78 -23.39 -19.41
N TYR C 22 -17.47 -23.94 -18.41
CA TYR C 22 -16.91 -24.17 -17.10
C TYR C 22 -16.89 -25.66 -16.80
N ALA C 23 -15.79 -26.12 -16.18
CA ALA C 23 -15.70 -27.47 -15.66
C ALA C 23 -15.71 -27.40 -14.14
N PHE C 24 -16.36 -28.36 -13.50
CA PHE C 24 -16.55 -28.33 -12.05
C PHE C 24 -16.03 -29.61 -11.43
N LEU C 25 -15.32 -29.45 -10.32
CA LEU C 25 -14.77 -30.57 -9.55
C LEU C 25 -15.30 -30.43 -8.13
N LEU C 26 -16.42 -31.09 -7.84
CA LEU C 26 -17.03 -30.99 -6.53
C LEU C 26 -16.35 -31.95 -5.55
N THR C 27 -16.22 -31.51 -4.31
CA THR C 27 -15.68 -32.34 -3.24
C THR C 27 -16.52 -32.13 -1.98
N MET C 28 -16.64 -33.20 -1.20
CA MET C 28 -17.50 -33.21 -0.02
C MET C 28 -16.64 -33.39 1.22
N ALA C 29 -16.75 -32.45 2.16
CA ALA C 29 -16.05 -32.57 3.43
C ALA C 29 -16.64 -33.73 4.24
N THR C 30 -15.75 -34.47 4.89
CA THR C 30 -16.18 -35.66 5.63
C THR C 30 -17.09 -35.27 6.80
N THR C 31 -18.27 -35.87 6.84
CA THR C 31 -19.23 -35.63 7.91
C THR C 31 -19.21 -36.79 8.92
N ILE C 58 -24.51 -21.51 6.83
CA ILE C 58 -24.70 -21.73 5.40
C ILE C 58 -25.53 -22.98 5.15
N PRO C 59 -26.33 -22.98 4.09
CA PRO C 59 -27.13 -24.16 3.78
C PRO C 59 -26.24 -25.35 3.49
N PRO C 60 -26.70 -26.55 3.82
CA PRO C 60 -25.86 -27.74 3.61
C PRO C 60 -25.63 -28.02 2.13
N PHE C 61 -24.48 -28.62 1.85
CA PHE C 61 -24.09 -28.96 0.49
C PHE C 61 -24.84 -30.21 0.04
N ASN C 62 -25.58 -30.09 -1.05
CA ASN C 62 -26.21 -31.23 -1.72
C ASN C 62 -25.44 -31.45 -3.02
N LYS C 63 -24.63 -32.50 -3.04
CA LYS C 63 -23.70 -32.71 -4.14
C LYS C 63 -24.44 -33.00 -5.44
N GLN C 64 -25.41 -33.93 -5.40
CA GLN C 64 -26.10 -34.32 -6.63
C GLN C 64 -27.08 -33.27 -7.09
N TYR C 65 -27.69 -32.53 -6.17
CA TYR C 65 -28.57 -31.43 -6.56
C TYR C 65 -27.77 -30.32 -7.22
N THR C 66 -26.64 -29.96 -6.63
CA THR C 66 -25.75 -28.98 -7.27
C THR C 66 -25.30 -29.47 -8.64
N GLU C 67 -25.00 -30.78 -8.74
CA GLU C 67 -24.62 -31.34 -10.04
C GLU C 67 -25.76 -31.19 -11.05
N SER C 68 -27.00 -31.35 -10.60
CA SER C 68 -28.14 -31.16 -11.50
C SER C 68 -28.26 -29.71 -11.94
N GLN C 69 -28.05 -28.77 -11.00
CA GLN C 69 -28.08 -27.35 -11.35
C GLN C 69 -27.02 -27.02 -12.39
N LEU C 70 -25.80 -27.53 -12.19
CA LEU C 70 -24.72 -27.22 -13.12
C LEU C 70 -24.97 -27.88 -14.48
N ARG C 71 -25.39 -29.14 -14.49
CA ARG C 71 -25.65 -29.83 -15.75
C ARG C 71 -26.78 -29.16 -16.51
N ALA C 72 -27.77 -28.59 -15.81
CA ALA C 72 -28.89 -27.96 -16.50
C ALA C 72 -28.46 -26.68 -17.20
N GLY C 73 -27.42 -26.02 -16.69
CA GLY C 73 -26.89 -24.82 -17.30
C GLY C 73 -25.73 -25.13 -18.23
N ALA C 74 -25.68 -26.36 -18.74
CA ALA C 74 -24.64 -26.81 -19.65
C ALA C 74 -23.25 -26.75 -19.02
N GLY C 75 -23.18 -26.96 -17.70
CA GLY C 75 -21.88 -27.09 -17.05
C GLY C 75 -21.35 -28.51 -17.17
N TYR C 76 -20.03 -28.61 -17.31
CA TYR C 76 -19.36 -29.90 -17.46
C TYR C 76 -18.84 -30.36 -16.10
N ILE C 77 -19.18 -31.61 -15.75
CA ILE C 77 -18.77 -32.19 -14.47
C ILE C 77 -17.54 -33.04 -14.70
N LEU C 78 -16.48 -32.76 -13.95
CA LEU C 78 -15.25 -33.55 -14.03
C LEU C 78 -15.38 -34.78 -13.16
N GLU C 79 -15.07 -35.95 -13.74
CA GLU C 79 -15.04 -37.17 -12.94
C GLU C 79 -13.95 -37.10 -11.88
N ASP C 80 -12.78 -36.58 -12.24
CA ASP C 80 -11.72 -36.30 -11.30
C ASP C 80 -10.90 -35.15 -11.86
N PHE C 81 -9.83 -34.79 -11.14
CA PHE C 81 -8.95 -33.73 -11.62
C PHE C 81 -8.34 -34.16 -12.94
N ASN C 82 -8.33 -33.25 -13.91
CA ASN C 82 -7.77 -33.53 -15.23
C ASN C 82 -7.24 -32.23 -15.84
N GLU C 83 -5.92 -32.08 -15.87
CA GLU C 83 -5.32 -30.86 -16.38
C GLU C 83 -5.25 -30.83 -17.91
N ALA C 84 -5.90 -31.77 -18.57
CA ALA C 84 -5.93 -31.78 -20.03
C ALA C 84 -7.11 -30.99 -20.56
N GLN C 85 -8.14 -30.80 -19.74
CA GLN C 85 -9.26 -29.93 -20.05
C GLN C 85 -9.22 -28.60 -19.30
N CYS C 86 -8.63 -28.59 -18.09
CA CYS C 86 -8.55 -27.35 -17.32
C CYS C 86 -7.58 -26.37 -17.96
N ASN C 87 -6.45 -26.85 -18.45
CA ASN C 87 -5.46 -25.98 -19.07
C ASN C 87 -5.80 -25.63 -20.51
N THR C 88 -6.93 -26.10 -21.05
CA THR C 88 -7.24 -25.91 -22.46
C THR C 88 -8.56 -25.15 -22.55
N ALA C 89 -9.68 -25.81 -22.86
CA ALA C 89 -10.90 -25.13 -23.25
C ALA C 89 -11.73 -24.64 -22.06
N TYR C 90 -11.79 -25.41 -20.98
CA TYR C 90 -12.72 -25.12 -19.90
C TYR C 90 -12.06 -24.28 -18.81
N GLN C 91 -12.88 -23.49 -18.13
CA GLN C 91 -12.49 -22.77 -16.92
C GLN C 91 -12.91 -23.64 -15.74
N CYS C 92 -11.94 -24.33 -15.14
CA CYS C 92 -12.24 -25.23 -14.04
C CYS C 92 -12.44 -24.47 -12.73
N LEU C 93 -13.33 -25.00 -11.89
CA LEU C 93 -13.62 -24.46 -10.57
C LEU C 93 -13.96 -25.63 -9.65
N LEU C 94 -13.51 -25.54 -8.40
CA LEU C 94 -13.84 -26.53 -7.38
C LEU C 94 -15.04 -26.03 -6.58
N ILE C 95 -16.02 -26.90 -6.40
CA ILE C 95 -17.23 -26.59 -5.66
C ILE C 95 -17.23 -27.41 -4.37
N ALA C 96 -17.36 -26.73 -3.24
CA ALA C 96 -17.40 -27.40 -1.94
C ALA C 96 -18.21 -26.55 -0.97
N ASP C 97 -18.53 -27.15 0.17
CA ASP C 97 -19.26 -26.42 1.20
C ASP C 97 -18.34 -25.61 2.10
N GLN C 98 -17.07 -25.98 2.20
CA GLN C 98 -16.09 -25.26 3.02
C GLN C 98 -14.71 -25.75 2.61
N HIS C 99 -13.69 -25.33 3.35
CA HIS C 99 -12.34 -25.80 3.13
C HIS C 99 -12.19 -27.21 3.72
N CYS C 100 -11.63 -28.12 2.93
CA CYS C 100 -11.47 -29.50 3.37
C CYS C 100 -10.09 -30.01 2.97
N ARG C 101 -9.72 -31.15 3.54
CA ARG C 101 -8.38 -31.73 3.39
C ARG C 101 -8.44 -32.97 2.53
N THR C 102 -9.17 -32.92 1.41
CA THR C 102 -9.29 -34.03 0.50
C THR C 102 -8.33 -33.91 -0.67
N ARG C 103 -8.33 -34.94 -1.51
CA ARG C 103 -7.43 -34.98 -2.66
C ARG C 103 -7.78 -33.90 -3.69
N LYS C 104 -9.06 -33.72 -3.99
CA LYS C 104 -9.46 -32.72 -4.96
C LYS C 104 -9.10 -31.32 -4.49
N TYR C 105 -9.30 -31.05 -3.19
CA TYR C 105 -8.96 -29.75 -2.65
C TYR C 105 -7.47 -29.48 -2.76
N PHE C 106 -6.64 -30.48 -2.44
CA PHE C 106 -5.19 -30.30 -2.55
C PHE C 106 -4.76 -30.12 -4.00
N LEU C 107 -5.37 -30.87 -4.93
CA LEU C 107 -5.00 -30.75 -6.33
C LEU C 107 -5.35 -29.37 -6.87
N CYS C 108 -6.48 -28.81 -6.44
CA CYS C 108 -6.83 -27.47 -6.89
C CYS C 108 -5.99 -26.41 -6.21
N LEU C 109 -5.62 -26.62 -4.94
CA LEU C 109 -4.71 -25.69 -4.27
C LEU C 109 -3.34 -25.69 -4.92
N ALA C 110 -2.92 -26.82 -5.48
CA ALA C 110 -1.64 -26.87 -6.17
C ALA C 110 -1.73 -26.28 -7.58
N SER C 111 -2.79 -26.60 -8.31
CA SER C 111 -2.97 -26.11 -9.67
C SER C 111 -3.50 -24.69 -9.73
N GLY C 112 -3.82 -24.08 -8.58
CA GLY C 112 -4.37 -22.75 -8.60
C GLY C 112 -5.80 -22.66 -9.07
N ILE C 113 -6.53 -23.77 -9.08
CA ILE C 113 -7.95 -23.74 -9.46
C ILE C 113 -8.75 -23.14 -8.31
N PRO C 114 -9.61 -22.15 -8.57
CA PRO C 114 -10.29 -21.47 -7.46
C PRO C 114 -11.23 -22.39 -6.71
N CYS C 115 -11.20 -22.28 -5.38
CA CYS C 115 -12.11 -23.02 -4.51
C CYS C 115 -13.31 -22.13 -4.22
N VAL C 116 -14.47 -22.52 -4.74
CA VAL C 116 -15.67 -21.69 -4.73
C VAL C 116 -16.79 -22.44 -4.01
N SER C 117 -17.50 -21.73 -3.13
CA SER C 117 -18.60 -22.34 -2.39
C SER C 117 -19.76 -22.68 -3.31
N HIS C 118 -20.53 -23.68 -2.90
CA HIS C 118 -21.69 -24.11 -3.69
C HIS C 118 -22.77 -23.05 -3.75
N VAL C 119 -22.81 -22.14 -2.78
CA VAL C 119 -23.77 -21.05 -2.81
C VAL C 119 -23.66 -20.27 -4.12
N TRP C 120 -22.44 -20.12 -4.64
CA TRP C 120 -22.25 -19.46 -5.92
C TRP C 120 -23.12 -20.07 -7.01
N VAL C 121 -23.23 -21.39 -7.03
CA VAL C 121 -24.18 -22.03 -7.94
C VAL C 121 -25.60 -21.58 -7.61
N HIS C 122 -26.00 -21.78 -6.35
CA HIS C 122 -27.35 -21.46 -5.93
C HIS C 122 -27.69 -20.00 -6.24
N ASP C 123 -26.91 -19.07 -5.69
CA ASP C 123 -27.16 -17.65 -5.92
C ASP C 123 -27.14 -17.29 -7.40
N SER C 124 -26.43 -18.07 -8.22
CA SER C 124 -26.45 -17.78 -9.65
C SER C 124 -27.75 -18.29 -10.28
N CYS C 125 -28.20 -19.49 -9.88
CA CYS C 125 -29.45 -20.01 -10.42
C CYS C 125 -30.64 -19.18 -9.97
N HIS C 126 -30.55 -18.56 -8.78
CA HIS C 126 -31.58 -17.65 -8.35
C HIS C 126 -31.68 -16.44 -9.27
N ALA C 127 -30.58 -16.03 -9.88
CA ALA C 127 -30.55 -14.85 -10.72
C ALA C 127 -30.47 -15.14 -12.20
N ASN C 128 -30.27 -16.40 -12.58
CA ASN C 128 -30.08 -16.78 -13.99
C ASN C 128 -28.97 -15.97 -14.64
N GLN C 129 -28.00 -15.54 -13.84
CA GLN C 129 -26.87 -14.74 -14.30
C GLN C 129 -25.65 -15.15 -13.49
N LEU C 130 -24.55 -15.43 -14.20
CA LEU C 130 -23.32 -15.84 -13.53
C LEU C 130 -22.84 -14.79 -12.54
N GLN C 131 -22.57 -15.23 -11.32
CA GLN C 131 -22.09 -14.36 -10.26
C GLN C 131 -20.56 -14.38 -10.23
N ASN C 132 -19.98 -13.33 -9.65
CA ASN C 132 -18.54 -13.27 -9.51
C ASN C 132 -18.10 -14.32 -8.48
N TYR C 133 -17.40 -15.36 -8.93
CA TYR C 133 -16.96 -16.39 -8.01
C TYR C 133 -15.94 -15.88 -7.00
N ARG C 134 -15.28 -14.75 -7.29
CA ARG C 134 -14.35 -14.19 -6.31
C ARG C 134 -15.06 -13.73 -5.04
N ASN C 135 -16.37 -13.54 -5.09
CA ASN C 135 -17.15 -13.27 -3.89
C ASN C 135 -17.56 -14.55 -3.17
N TYR C 136 -17.25 -15.72 -3.74
CA TYR C 136 -17.61 -17.00 -3.16
C TYR C 136 -16.38 -17.88 -2.93
N LEU C 137 -15.20 -17.26 -2.81
CA LEU C 137 -13.99 -18.03 -2.60
C LEU C 137 -14.01 -18.70 -1.23
N LEU C 138 -13.72 -20.00 -1.21
CA LEU C 138 -13.61 -20.73 0.03
C LEU C 138 -12.19 -20.59 0.58
N PRO C 139 -12.01 -20.72 1.90
CA PRO C 139 -10.68 -20.61 2.48
C PRO C 139 -9.79 -21.77 2.06
N ALA C 140 -8.49 -21.61 2.32
CA ALA C 140 -7.53 -22.65 1.99
C ALA C 140 -7.46 -23.71 3.08
N GLY C 141 -7.52 -23.29 4.34
CA GLY C 141 -7.43 -24.21 5.45
C GLY C 141 -6.83 -23.52 6.66
N TYR C 142 -6.60 -24.32 7.69
CA TYR C 142 -6.03 -23.83 8.95
C TYR C 142 -4.51 -23.85 8.85
N SER C 143 -3.88 -22.69 9.05
CA SER C 143 -2.44 -22.57 9.00
C SER C 143 -1.84 -22.81 10.37
N LEU C 144 -0.70 -23.50 10.40
CA LEU C 144 0.00 -23.70 11.65
C LEU C 144 0.85 -22.48 12.00
N GLU C 145 1.47 -21.86 11.00
CA GLU C 145 2.27 -20.67 11.23
C GLU C 145 1.40 -19.46 11.58
N GLU C 146 0.25 -19.32 10.92
CA GLU C 146 -0.61 -18.18 11.17
C GLU C 146 -1.60 -18.42 12.29
N GLN C 147 -1.83 -19.68 12.66
CA GLN C 147 -2.77 -20.05 13.72
C GLN C 147 -4.16 -19.46 13.47
N ARG C 148 -4.72 -19.81 12.31
CA ARG C 148 -6.03 -19.31 11.90
C ARG C 148 -6.32 -19.82 10.50
N ILE C 149 -7.59 -19.68 10.11
CA ILE C 149 -8.05 -20.10 8.79
C ILE C 149 -7.59 -19.03 7.81
N LEU C 150 -7.04 -19.47 6.68
CA LEU C 150 -6.49 -18.53 5.70
C LEU C 150 -7.39 -18.44 4.47
N ASP C 151 -7.61 -17.21 4.01
CA ASP C 151 -8.37 -16.98 2.78
C ASP C 151 -7.50 -17.29 1.57
N TRP C 152 -8.16 -17.60 0.47
CA TRP C 152 -7.46 -18.09 -0.71
C TRP C 152 -6.96 -16.94 -1.56
N GLN C 153 -5.81 -17.16 -2.22
CA GLN C 153 -5.20 -16.26 -3.16
C GLN C 153 -4.63 -17.07 -4.31
N PRO C 154 -4.54 -16.50 -5.51
CA PRO C 154 -3.99 -17.24 -6.64
C PRO C 154 -2.57 -17.73 -6.35
N ARG C 155 -2.35 -19.02 -6.60
CA ARG C 155 -1.12 -19.67 -6.16
C ARG C 155 0.02 -19.49 -7.17
N GLU C 156 -0.22 -19.85 -8.42
CA GLU C 156 0.78 -19.71 -9.49
C GLU C 156 2.02 -20.55 -9.17
N ASN C 157 1.78 -21.83 -8.89
CA ASN C 157 2.74 -22.89 -8.63
C ASN C 157 3.38 -22.70 -7.26
N PRO C 158 3.31 -23.70 -6.38
CA PRO C 158 3.90 -23.54 -5.04
C PRO C 158 5.13 -24.41 -4.82
N PHE C 159 5.47 -25.27 -5.79
CA PHE C 159 6.60 -26.17 -5.69
C PHE C 159 7.52 -26.02 -6.89
N GLN C 160 7.74 -24.79 -7.34
CA GLN C 160 8.58 -24.57 -8.51
C GLN C 160 10.02 -24.97 -8.21
N ASN C 161 10.63 -25.71 -9.15
CA ASN C 161 12.03 -26.10 -9.09
C ASN C 161 12.34 -26.86 -7.79
N LEU C 162 11.60 -27.94 -7.58
CA LEU C 162 11.70 -28.74 -6.36
C LEU C 162 11.86 -30.20 -6.74
N LYS C 163 12.95 -30.81 -6.30
CA LYS C 163 13.20 -32.24 -6.48
C LYS C 163 12.83 -32.95 -5.18
N VAL C 164 11.80 -33.78 -5.22
CA VAL C 164 11.25 -34.42 -4.03
C VAL C 164 11.40 -35.92 -4.16
N LEU C 165 11.73 -36.57 -3.03
CA LEU C 165 11.78 -38.02 -2.94
C LEU C 165 10.71 -38.48 -1.95
N LEU C 166 9.77 -39.27 -2.44
CA LEU C 166 8.68 -39.81 -1.63
C LEU C 166 9.07 -41.21 -1.17
N VAL C 167 9.09 -41.41 0.14
CA VAL C 167 9.41 -42.70 0.76
C VAL C 167 8.26 -43.07 1.67
N SER C 168 7.62 -44.21 1.42
CA SER C 168 6.49 -44.64 2.22
C SER C 168 6.23 -46.12 1.94
N ASP C 169 5.43 -46.73 2.82
CA ASP C 169 4.92 -48.07 2.60
C ASP C 169 3.60 -48.09 1.84
N GLN C 170 2.76 -47.07 2.05
CA GLN C 170 1.50 -46.97 1.33
C GLN C 170 1.76 -46.38 -0.04
N GLN C 171 1.44 -47.14 -1.10
CA GLN C 171 1.67 -46.68 -2.45
C GLN C 171 0.58 -45.73 -2.95
N GLN C 172 -0.68 -46.04 -2.63
CA GLN C 172 -1.79 -45.32 -3.25
C GLN C 172 -2.02 -43.97 -2.58
N ASN C 173 -2.31 -43.96 -1.29
CA ASN C 173 -2.56 -42.71 -0.55
C ASN C 173 -1.29 -42.05 -0.04
N PHE C 174 -0.21 -42.06 -0.82
CA PHE C 174 1.02 -41.39 -0.44
C PHE C 174 1.96 -41.32 -1.63
N LEU C 175 2.43 -42.47 -2.11
CA LEU C 175 3.37 -42.47 -3.22
C LEU C 175 2.71 -41.99 -4.51
N GLU C 176 1.41 -42.24 -4.69
CA GLU C 176 0.68 -41.73 -5.84
C GLU C 176 0.03 -40.38 -5.54
N LEU C 177 -0.57 -40.26 -4.36
CA LEU C 177 -1.25 -39.03 -3.96
C LEU C 177 -0.30 -37.84 -4.00
N TRP C 178 0.75 -37.88 -3.20
CA TRP C 178 1.67 -36.76 -3.12
C TRP C 178 2.50 -36.61 -4.38
N SER C 179 2.66 -37.68 -5.16
CA SER C 179 3.31 -37.54 -6.46
C SER C 179 2.47 -36.67 -7.38
N GLU C 180 1.17 -36.98 -7.51
CA GLU C 180 0.32 -36.18 -8.39
C GLU C 180 0.16 -34.76 -7.86
N ILE C 181 0.00 -34.62 -6.55
CA ILE C 181 -0.22 -33.29 -5.97
C ILE C 181 1.04 -32.43 -6.13
N LEU C 182 2.21 -33.01 -5.89
CA LEU C 182 3.44 -32.25 -6.06
C LEU C 182 3.71 -31.93 -7.53
N MET C 183 3.45 -32.88 -8.42
CA MET C 183 3.70 -32.65 -9.84
C MET C 183 2.78 -31.58 -10.40
N THR C 184 1.50 -31.61 -10.05
CA THR C 184 0.60 -30.55 -10.48
C THR C 184 0.87 -29.23 -9.77
N GLY C 185 1.73 -29.22 -8.77
CA GLY C 185 2.18 -28.03 -8.08
C GLY C 185 3.45 -27.43 -8.63
N GLY C 186 3.91 -27.87 -9.79
CA GLY C 186 5.09 -27.27 -10.39
C GLY C 186 6.41 -27.90 -9.99
N ALA C 187 6.39 -29.08 -9.37
CA ALA C 187 7.63 -29.72 -8.97
C ALA C 187 8.49 -30.07 -10.18
N ALA C 188 9.80 -29.87 -10.04
CA ALA C 188 10.72 -30.18 -11.13
C ALA C 188 10.86 -31.68 -11.33
N SER C 189 10.81 -32.44 -10.24
CA SER C 189 10.91 -33.90 -10.32
C SER C 189 10.44 -34.49 -9.01
N VAL C 190 9.67 -35.57 -9.11
CA VAL C 190 9.21 -36.33 -7.95
C VAL C 190 9.55 -37.79 -8.18
N LYS C 191 10.31 -38.38 -7.26
CA LYS C 191 10.67 -39.79 -7.34
C LYS C 191 9.86 -40.58 -6.31
N GLN C 192 9.41 -41.77 -6.71
CA GLN C 192 8.60 -42.64 -5.86
C GLN C 192 9.45 -43.84 -5.48
N HIS C 193 9.77 -43.96 -4.18
CA HIS C 193 10.55 -45.07 -3.68
C HIS C 193 9.81 -45.70 -2.51
N HIS C 194 9.53 -47.00 -2.61
CA HIS C 194 8.96 -47.74 -1.51
C HIS C 194 9.97 -47.85 -0.38
N SER C 195 9.52 -48.36 0.77
CA SER C 195 10.41 -48.47 1.92
C SER C 195 11.21 -49.77 1.87
N SER C 196 11.53 -50.24 0.65
CA SER C 196 12.38 -51.41 0.46
C SER C 196 12.74 -51.58 -1.00
N ALA C 197 14.01 -51.37 -1.34
CA ALA C 197 14.50 -51.58 -2.71
C ALA C 197 16.02 -51.56 -2.76
N ILE C 202 18.07 -43.78 -4.35
CA ILE C 202 18.22 -43.29 -5.71
C ILE C 202 19.43 -42.37 -5.82
N ALA C 203 19.34 -41.36 -6.69
CA ALA C 203 20.43 -40.41 -6.84
C ALA C 203 20.66 -39.63 -5.54
N LEU C 204 19.59 -39.40 -4.78
CA LEU C 204 19.60 -38.68 -3.51
C LEU C 204 20.07 -37.23 -3.59
N GLY C 205 21.34 -36.96 -3.27
CA GLY C 205 21.89 -35.61 -3.28
C GLY C 205 21.33 -34.60 -4.26
N VAL C 206 20.73 -35.10 -5.36
CA VAL C 206 20.13 -34.24 -6.37
C VAL C 206 18.78 -33.70 -5.90
N PHE C 207 18.24 -34.24 -4.81
CA PHE C 207 16.95 -33.83 -4.26
C PHE C 207 17.06 -32.62 -3.36
N ASP C 208 15.93 -31.95 -3.17
CA ASP C 208 15.84 -30.79 -2.29
C ASP C 208 15.14 -31.08 -0.97
N VAL C 209 14.31 -32.12 -0.92
CA VAL C 209 13.57 -32.46 0.30
C VAL C 209 13.05 -33.88 0.16
N VAL C 210 12.97 -34.58 1.28
CA VAL C 210 12.41 -35.93 1.36
C VAL C 210 11.11 -35.84 2.14
N VAL C 211 10.01 -36.24 1.51
CA VAL C 211 8.70 -36.24 2.13
C VAL C 211 8.34 -37.70 2.41
N THR C 212 8.29 -38.05 3.70
CA THR C 212 8.08 -39.44 4.11
C THR C 212 7.16 -39.45 5.32
N ASP C 213 7.12 -40.60 6.01
CA ASP C 213 6.28 -40.83 7.18
C ASP C 213 7.07 -41.75 8.11
N PRO C 214 6.54 -42.18 9.26
CA PRO C 214 7.34 -43.02 10.17
C PRO C 214 7.82 -44.34 9.57
N SER C 215 7.39 -44.72 8.37
CA SER C 215 7.90 -45.92 7.72
C SER C 215 9.18 -45.67 6.94
N CYS C 216 9.92 -44.62 7.29
CA CYS C 216 11.15 -44.32 6.59
C CYS C 216 12.29 -45.17 7.14
N PRO C 217 13.02 -45.89 6.29
CA PRO C 217 14.16 -46.66 6.78
C PRO C 217 15.28 -45.78 7.30
N ALA C 218 16.02 -46.30 8.27
CA ALA C 218 17.09 -45.52 8.89
C ALA C 218 18.21 -45.22 7.91
N SER C 219 18.33 -45.98 6.82
CA SER C 219 19.34 -45.68 5.82
C SER C 219 19.06 -44.36 5.12
N VAL C 220 17.81 -44.13 4.75
CA VAL C 220 17.45 -42.87 4.10
C VAL C 220 17.61 -41.71 5.07
N LEU C 221 17.24 -41.92 6.34
CA LEU C 221 17.38 -40.86 7.33
C LEU C 221 18.85 -40.51 7.57
N LYS C 222 19.71 -41.52 7.68
CA LYS C 222 21.12 -41.25 7.93
C LYS C 222 21.79 -40.62 6.71
N CYS C 223 21.49 -41.13 5.51
CA CYS C 223 22.06 -40.56 4.30
C CYS C 223 21.59 -39.13 4.08
N ALA C 224 20.33 -38.85 4.42
CA ALA C 224 19.82 -37.49 4.27
C ALA C 224 20.44 -36.57 5.32
N GLU C 225 20.58 -37.06 6.55
CA GLU C 225 21.22 -36.25 7.59
C GLU C 225 22.66 -35.91 7.21
N ALA C 226 23.41 -36.89 6.72
CA ALA C 226 24.80 -36.65 6.35
C ALA C 226 24.89 -35.63 5.22
N LEU C 227 23.97 -35.70 4.27
CA LEU C 227 23.94 -34.79 3.13
C LEU C 227 23.28 -33.46 3.46
N GLN C 228 22.78 -33.28 4.68
CA GLN C 228 22.13 -32.03 5.10
C GLN C 228 20.84 -31.81 4.31
N LEU C 229 20.18 -32.91 3.95
CA LEU C 229 18.97 -32.88 3.16
C LEU C 229 17.75 -32.90 4.08
N PRO C 230 16.86 -31.92 4.00
CA PRO C 230 15.72 -31.89 4.94
C PRO C 230 14.75 -33.02 4.69
N VAL C 231 14.28 -33.61 5.79
CA VAL C 231 13.27 -34.67 5.77
C VAL C 231 12.05 -34.17 6.52
N VAL C 232 10.91 -34.11 5.84
CA VAL C 232 9.68 -33.59 6.41
C VAL C 232 8.56 -34.61 6.20
N SER C 233 7.41 -34.31 6.78
CA SER C 233 6.22 -35.13 6.65
C SER C 233 5.26 -34.49 5.64
N GLN C 234 4.09 -35.13 5.47
CA GLN C 234 3.10 -34.62 4.53
C GLN C 234 2.50 -33.30 4.98
N GLU C 235 2.53 -33.02 6.29
CA GLU C 235 1.97 -31.77 6.79
C GLU C 235 2.71 -30.56 6.24
N TRP C 236 3.99 -30.71 5.92
CA TRP C 236 4.73 -29.62 5.29
C TRP C 236 4.19 -29.34 3.88
N VAL C 237 3.87 -30.40 3.13
CA VAL C 237 3.30 -30.21 1.81
C VAL C 237 1.91 -29.58 1.90
N ILE C 238 1.08 -30.13 2.79
CA ILE C 238 -0.29 -29.63 2.93
C ILE C 238 -0.29 -28.18 3.36
N GLN C 239 0.54 -27.84 4.35
CA GLN C 239 0.65 -26.46 4.79
C GLN C 239 1.23 -25.56 3.70
N CYS C 240 2.13 -26.10 2.86
CA CYS C 240 2.58 -25.34 1.70
C CYS C 240 1.42 -25.04 0.76
N LEU C 241 0.47 -25.97 0.64
CA LEU C 241 -0.68 -25.74 -0.23
C LEU C 241 -1.65 -24.74 0.38
N ILE C 242 -1.84 -24.78 1.71
CA ILE C 242 -2.74 -23.84 2.37
C ILE C 242 -2.17 -22.43 2.30
N VAL C 243 -0.90 -22.27 2.66
CA VAL C 243 -0.29 -20.94 2.66
C VAL C 243 -0.03 -20.46 1.24
N GLY C 244 0.25 -21.37 0.31
CA GLY C 244 0.49 -20.99 -1.07
C GLY C 244 1.92 -20.65 -1.40
N GLU C 245 2.87 -21.10 -0.58
CA GLU C 245 4.28 -20.82 -0.80
C GLU C 245 5.10 -21.78 0.05
N ARG C 246 6.32 -22.05 -0.40
CA ARG C 246 7.23 -22.91 0.35
C ARG C 246 7.54 -22.31 1.71
N ILE C 247 7.14 -23.01 2.76
CA ILE C 247 7.34 -22.56 4.13
C ILE C 247 8.51 -23.33 4.72
N GLY C 248 8.95 -22.92 5.91
CA GLY C 248 10.16 -23.50 6.48
C GLY C 248 9.99 -24.98 6.76
N PHE C 249 11.05 -25.74 6.46
CA PHE C 249 11.03 -27.18 6.72
C PHE C 249 10.82 -27.45 8.22
N LYS C 250 11.71 -26.90 9.05
CA LYS C 250 11.62 -27.06 10.49
C LYS C 250 10.81 -25.96 11.16
N GLN C 251 9.77 -25.46 10.48
CA GLN C 251 9.00 -24.34 11.01
C GLN C 251 8.05 -24.77 12.11
N HIS C 252 7.47 -25.98 12.00
CA HIS C 252 6.51 -26.48 12.96
C HIS C 252 6.85 -27.92 13.32
N PRO C 253 6.63 -28.32 14.58
CA PRO C 253 6.97 -29.69 14.99
C PRO C 253 6.23 -30.76 14.20
N LYS C 254 5.02 -30.49 13.72
CA LYS C 254 4.29 -31.49 12.95
C LYS C 254 4.92 -31.78 11.60
N TYR C 255 5.91 -30.99 11.16
CA TYR C 255 6.55 -31.23 9.88
C TYR C 255 7.53 -32.39 9.93
N LYS C 256 7.89 -32.86 11.12
CA LYS C 256 8.75 -34.04 11.22
C LYS C 256 7.97 -35.28 10.81
N HIS C 257 8.67 -36.20 10.12
CA HIS C 257 8.02 -37.42 9.66
C HIS C 257 7.66 -38.34 10.82
N ASP C 258 8.46 -38.34 11.88
CA ASP C 258 8.29 -39.26 13.00
C ASP C 258 7.34 -38.75 14.06
N TYR C 259 6.77 -37.55 13.89
CA TYR C 259 5.82 -36.95 14.83
C TYR C 259 4.77 -37.94 15.31
N VAL C 260 4.98 -38.51 16.49
CA VAL C 260 4.05 -39.48 17.06
C VAL C 260 3.36 -38.89 18.28
N ARG D 9 33.31 23.95 -8.94
CA ARG D 9 31.90 24.08 -8.60
C ARG D 9 31.01 23.65 -9.76
N GLY D 10 31.24 24.26 -10.93
CA GLY D 10 30.47 23.95 -12.10
C GLY D 10 30.79 24.88 -13.26
N PRO D 11 31.26 24.30 -14.37
CA PRO D 11 31.63 25.13 -15.52
C PRO D 11 30.46 25.40 -16.45
N LEU D 12 30.77 25.89 -17.68
CA LEU D 12 29.79 26.15 -18.71
C LEU D 12 29.53 24.89 -19.54
N PRO D 13 28.31 24.70 -20.01
CA PRO D 13 28.02 23.49 -20.80
C PRO D 13 28.59 23.58 -22.21
N LEU D 14 29.21 22.48 -22.65
CA LEU D 14 29.70 22.41 -24.02
C LEU D 14 28.56 22.22 -25.02
N ASN D 15 27.49 21.55 -24.61
CA ASN D 15 26.32 21.37 -25.46
C ASN D 15 25.53 22.68 -25.51
N LYS D 16 25.62 23.39 -26.63
CA LYS D 16 24.95 24.67 -26.77
C LYS D 16 23.43 24.54 -26.72
N THR D 17 22.89 23.36 -27.02
CA THR D 17 21.46 23.11 -26.97
C THR D 17 21.09 22.20 -25.80
N LEU D 18 21.70 22.43 -24.64
CA LEU D 18 21.46 21.59 -23.48
C LEU D 18 20.11 21.89 -22.85
N PHE D 19 19.90 23.14 -22.41
CA PHE D 19 18.66 23.55 -21.78
C PHE D 19 17.66 24.14 -22.77
N LEU D 20 17.67 23.68 -24.02
CA LEU D 20 16.75 24.20 -25.02
C LEU D 20 15.31 23.82 -24.68
N GLY D 21 14.42 24.81 -24.66
CA GLY D 21 13.04 24.58 -24.33
C GLY D 21 12.72 24.55 -22.85
N TYR D 22 13.69 24.87 -22.00
CA TYR D 22 13.49 24.91 -20.56
C TYR D 22 13.56 26.34 -20.06
N ALA D 23 12.55 26.76 -19.32
CA ALA D 23 12.56 28.06 -18.66
C ALA D 23 12.95 27.88 -17.20
N PHE D 24 13.53 28.92 -16.62
CA PHE D 24 14.09 28.84 -15.27
C PHE D 24 13.71 30.09 -14.50
N LEU D 25 13.20 29.87 -13.29
CA LEU D 25 12.77 30.94 -12.39
C LEU D 25 13.68 30.90 -11.17
N LEU D 26 14.62 31.84 -11.11
CA LEU D 26 15.63 31.84 -10.06
C LEU D 26 15.18 32.69 -8.88
N THR D 27 15.32 32.14 -7.68
CA THR D 27 14.98 32.84 -6.45
C THR D 27 16.02 32.51 -5.39
N MET D 28 16.17 33.40 -4.41
CA MET D 28 17.14 33.20 -3.34
C MET D 28 16.72 34.05 -2.14
N ALA D 29 16.68 33.43 -0.97
CA ALA D 29 16.29 34.13 0.25
C ALA D 29 17.40 35.12 0.66
N THR D 30 17.17 35.79 1.78
CA THR D 30 18.12 36.77 2.29
C THR D 30 18.54 36.44 3.73
N GLU D 57 28.89 20.54 1.98
CA GLU D 57 30.05 20.95 1.21
C GLU D 57 29.67 21.27 -0.23
N ILE D 58 28.45 21.77 -0.41
CA ILE D 58 27.95 22.14 -1.73
C ILE D 58 28.46 23.54 -2.09
N PRO D 59 28.68 23.84 -3.37
CA PRO D 59 29.16 25.17 -3.71
C PRO D 59 28.09 26.22 -3.49
N PRO D 60 28.48 27.46 -3.18
CA PRO D 60 27.48 28.51 -2.96
C PRO D 60 26.68 28.82 -4.22
N PHE D 61 25.54 29.44 -4.00
CA PHE D 61 24.62 29.79 -5.08
C PHE D 61 24.83 31.24 -5.49
N ASN D 62 25.08 31.45 -6.79
CA ASN D 62 25.17 32.79 -7.36
C ASN D 62 24.22 32.84 -8.55
N LYS D 63 23.22 33.71 -8.49
CA LYS D 63 22.19 33.73 -9.52
C LYS D 63 22.73 34.22 -10.85
N GLN D 64 23.72 35.12 -10.84
CA GLN D 64 24.25 35.64 -12.09
C GLN D 64 25.04 34.56 -12.83
N TYR D 65 25.92 33.85 -12.12
CA TYR D 65 26.71 32.80 -12.75
C TYR D 65 25.82 31.68 -13.26
N THR D 66 24.89 31.21 -12.43
CA THR D 66 23.94 30.20 -12.87
C THR D 66 23.14 30.69 -14.08
N GLU D 67 22.76 31.96 -14.08
CA GLU D 67 22.07 32.52 -15.25
C GLU D 67 22.94 32.43 -16.49
N SER D 68 24.24 32.73 -16.38
CA SER D 68 25.08 32.62 -17.56
C SER D 68 25.25 31.16 -17.98
N GLN D 69 25.10 30.23 -17.04
CA GLN D 69 25.21 28.81 -17.39
C GLN D 69 23.99 28.36 -18.16
N LEU D 70 22.80 28.73 -17.67
CA LEU D 70 21.58 28.39 -18.39
C LEU D 70 21.51 29.09 -19.74
N ARG D 71 21.90 30.37 -19.78
CA ARG D 71 21.94 31.10 -21.04
C ARG D 71 22.88 30.45 -22.03
N ALA D 72 23.99 29.86 -21.53
CA ALA D 72 24.94 29.26 -22.45
C ALA D 72 24.35 28.04 -23.15
N GLY D 73 23.42 27.35 -22.50
CA GLY D 73 22.77 26.19 -23.07
C GLY D 73 21.43 26.51 -23.69
N ALA D 74 21.23 27.77 -24.07
CA ALA D 74 19.98 28.23 -24.68
C ALA D 74 18.80 28.04 -23.74
N GLY D 75 19.01 28.29 -22.46
CA GLY D 75 17.95 28.18 -21.47
C GLY D 75 17.28 29.53 -21.24
N TYR D 76 15.98 29.49 -21.01
CA TYR D 76 15.19 30.69 -20.79
C TYR D 76 15.34 31.14 -19.34
N ILE D 77 15.49 32.46 -19.16
CA ILE D 77 15.63 33.05 -17.83
C ILE D 77 14.39 33.91 -17.61
N LEU D 78 13.44 33.38 -16.84
CA LEU D 78 12.22 34.12 -16.53
C LEU D 78 12.53 35.24 -15.54
N GLU D 79 12.20 36.47 -15.92
CA GLU D 79 12.28 37.59 -14.97
C GLU D 79 11.12 37.60 -14.00
N ASP D 80 10.02 36.92 -14.33
CA ASP D 80 8.86 36.84 -13.46
C ASP D 80 8.01 35.65 -13.91
N PHE D 81 7.12 35.22 -13.02
CA PHE D 81 6.28 34.06 -13.30
C PHE D 81 5.36 34.34 -14.48
N ASN D 82 5.41 33.45 -15.49
CA ASN D 82 4.59 33.57 -16.69
C ASN D 82 3.90 32.23 -16.93
N GLU D 83 2.63 32.14 -16.54
CA GLU D 83 1.90 30.88 -16.67
C GLU D 83 1.71 30.48 -18.13
N ALA D 84 1.45 31.45 -19.00
CA ALA D 84 1.29 31.16 -20.43
C ALA D 84 2.52 30.46 -21.00
N GLN D 85 3.70 31.04 -20.81
CA GLN D 85 4.91 30.43 -21.36
C GLN D 85 5.18 29.07 -20.74
N CYS D 86 4.83 28.88 -19.47
CA CYS D 86 5.08 27.59 -18.83
C CYS D 86 4.11 26.51 -19.29
N ASN D 87 2.92 26.91 -19.75
CA ASN D 87 1.92 25.94 -20.20
C ASN D 87 1.87 25.76 -21.70
N THR D 88 2.53 26.62 -22.47
CA THR D 88 2.43 26.56 -23.92
C THR D 88 3.77 26.41 -24.63
N ALA D 89 4.87 26.86 -24.03
CA ALA D 89 6.15 26.90 -24.73
C ALA D 89 7.25 26.14 -24.01
N TYR D 90 7.59 26.54 -22.79
CA TYR D 90 8.75 26.00 -22.09
C TYR D 90 8.32 25.05 -20.98
N GLN D 91 9.23 24.15 -20.62
CA GLN D 91 9.08 23.32 -19.42
C GLN D 91 9.77 24.06 -18.28
N CYS D 92 8.98 24.69 -17.42
CA CYS D 92 9.51 25.60 -16.42
C CYS D 92 10.05 24.86 -15.20
N LEU D 93 11.08 25.44 -14.59
CA LEU D 93 11.67 24.93 -13.36
C LEU D 93 12.09 26.11 -12.49
N LEU D 94 11.95 25.96 -11.18
CA LEU D 94 12.41 26.96 -10.23
C LEU D 94 13.78 26.54 -9.67
N ILE D 95 14.76 27.42 -9.79
CA ILE D 95 16.12 27.16 -9.34
C ILE D 95 16.38 27.94 -8.06
N ALA D 96 16.86 27.25 -7.03
CA ALA D 96 17.13 27.87 -5.74
C ALA D 96 18.14 27.02 -4.99
N ASP D 97 18.78 27.66 -3.99
CA ASP D 97 19.76 26.98 -3.16
C ASP D 97 19.12 26.19 -2.02
N GLN D 98 17.90 26.54 -1.62
CA GLN D 98 17.17 25.85 -0.57
C GLN D 98 15.72 26.32 -0.61
N HIS D 99 14.93 25.88 0.37
CA HIS D 99 13.54 26.28 0.46
C HIS D 99 13.41 27.64 1.12
N CYS D 100 12.56 28.49 0.57
CA CYS D 100 12.39 29.85 1.04
C CYS D 100 10.94 30.27 0.90
N ARG D 101 10.60 31.40 1.51
CA ARG D 101 9.24 31.92 1.48
C ARG D 101 9.16 33.14 0.57
N THR D 102 9.67 33.02 -0.65
CA THR D 102 9.67 34.12 -1.60
C THR D 102 8.41 34.09 -2.46
N ARG D 103 8.24 35.11 -3.31
CA ARG D 103 7.09 35.14 -4.20
C ARG D 103 7.17 34.04 -5.25
N LYS D 104 8.35 33.84 -5.82
CA LYS D 104 8.52 32.84 -6.87
C LYS D 104 8.32 31.43 -6.34
N TYR D 105 8.83 31.17 -5.13
CA TYR D 105 8.63 29.86 -4.52
C TYR D 105 7.14 29.57 -4.30
N PHE D 106 6.39 30.57 -3.82
CA PHE D 106 4.96 30.38 -3.62
C PHE D 106 4.23 30.19 -4.95
N LEU D 107 4.57 31.01 -5.94
CA LEU D 107 3.91 30.89 -7.24
C LEU D 107 4.16 29.52 -7.87
N CYS D 108 5.37 28.99 -7.70
CA CYS D 108 5.66 27.67 -8.25
C CYS D 108 4.98 26.58 -7.44
N LEU D 109 4.89 26.76 -6.12
CA LEU D 109 4.16 25.79 -5.31
C LEU D 109 2.67 25.79 -5.65
N ALA D 110 2.14 26.91 -6.14
CA ALA D 110 0.76 26.98 -6.57
C ALA D 110 0.57 26.47 -8.00
N SER D 111 1.57 26.60 -8.86
CA SER D 111 1.48 26.16 -10.24
C SER D 111 2.09 24.78 -10.48
N GLY D 112 2.56 24.12 -9.43
CA GLY D 112 3.14 22.80 -9.58
C GLY D 112 4.46 22.75 -10.31
N ILE D 113 5.15 23.88 -10.41
CA ILE D 113 6.47 23.92 -11.03
C ILE D 113 7.49 23.37 -10.04
N PRO D 114 8.37 22.44 -10.45
CA PRO D 114 9.30 21.84 -9.49
C PRO D 114 10.29 22.85 -8.94
N CYS D 115 10.64 22.66 -7.68
CA CYS D 115 11.66 23.46 -7.01
C CYS D 115 12.95 22.64 -7.02
N VAL D 116 13.86 23.00 -7.93
CA VAL D 116 15.07 22.23 -8.18
C VAL D 116 16.28 23.00 -7.67
N SER D 117 17.22 22.27 -7.06
CA SER D 117 18.43 22.89 -6.56
C SER D 117 19.32 23.36 -7.71
N HIS D 118 20.14 24.37 -7.43
CA HIS D 118 21.07 24.88 -8.44
C HIS D 118 22.16 23.88 -8.77
N VAL D 119 22.43 22.93 -7.88
CA VAL D 119 23.39 21.87 -8.17
C VAL D 119 23.01 21.15 -9.46
N TRP D 120 21.71 20.93 -9.67
CA TRP D 120 21.23 20.30 -10.90
C TRP D 120 21.78 20.99 -12.14
N VAL D 121 21.96 22.31 -12.09
CA VAL D 121 22.58 23.01 -13.21
C VAL D 121 24.03 22.56 -13.36
N HIS D 122 24.81 22.70 -12.28
CA HIS D 122 26.24 22.39 -12.33
C HIS D 122 26.46 20.94 -12.76
N ASP D 123 25.85 19.99 -12.04
CA ASP D 123 25.97 18.59 -12.38
C ASP D 123 25.57 18.30 -13.82
N SER D 124 24.65 19.10 -14.38
CA SER D 124 24.33 18.95 -15.79
C SER D 124 25.45 19.50 -16.65
N CYS D 125 25.86 20.74 -16.39
CA CYS D 125 26.91 21.36 -17.19
C CYS D 125 28.23 20.61 -17.04
N HIS D 126 28.42 19.91 -15.93
CA HIS D 126 29.60 19.07 -15.76
C HIS D 126 29.51 17.83 -16.64
N ALA D 127 28.33 17.23 -16.73
CA ALA D 127 28.13 16.01 -17.50
C ALA D 127 27.67 16.26 -18.92
N ASN D 128 27.40 17.51 -19.29
CA ASN D 128 26.98 17.89 -20.64
C ASN D 128 25.70 17.16 -21.06
N GLN D 129 24.88 16.76 -20.10
CA GLN D 129 23.60 16.13 -20.37
C GLN D 129 22.69 16.34 -19.16
N LEU D 130 21.47 16.81 -19.42
CA LEU D 130 20.51 17.06 -18.36
C LEU D 130 20.39 15.88 -17.42
N GLN D 131 20.33 16.18 -16.12
CA GLN D 131 20.11 15.18 -15.10
C GLN D 131 18.62 14.98 -14.88
N ASN D 132 18.27 14.15 -13.90
CA ASN D 132 16.88 13.92 -13.54
C ASN D 132 16.55 14.84 -12.36
N TYR D 133 15.78 15.89 -12.65
CA TYR D 133 15.51 16.90 -11.63
C TYR D 133 14.70 16.37 -10.46
N ARG D 134 14.24 15.12 -10.50
CA ARG D 134 13.59 14.52 -9.35
C ARG D 134 14.58 14.11 -8.27
N ASN D 135 15.87 14.05 -8.61
CA ASN D 135 16.90 13.79 -7.61
C ASN D 135 17.48 15.08 -7.02
N TYR D 136 17.08 16.23 -7.54
CA TYR D 136 17.53 17.52 -7.04
C TYR D 136 16.38 18.34 -6.46
N LEU D 137 15.28 17.70 -6.11
CA LEU D 137 14.12 18.42 -5.61
C LEU D 137 14.40 19.05 -4.25
N LEU D 138 13.90 20.27 -4.06
CA LEU D 138 14.02 21.01 -2.81
C LEU D 138 12.79 20.77 -1.94
N PRO D 139 12.95 20.85 -0.62
CA PRO D 139 11.79 20.67 0.27
C PRO D 139 10.75 21.75 0.01
N ALA D 140 9.50 21.40 0.29
CA ALA D 140 8.41 22.36 0.09
C ALA D 140 8.51 23.53 1.06
N GLY D 141 9.00 23.30 2.25
CA GLY D 141 9.14 24.35 3.24
C GLY D 141 8.93 23.78 4.63
N TYR D 142 8.92 24.67 5.61
CA TYR D 142 8.73 24.29 7.00
C TYR D 142 7.25 24.28 7.34
N SER D 143 6.76 23.15 7.85
CA SER D 143 5.36 22.98 8.20
C SER D 143 5.16 23.28 9.68
N LEU D 144 4.15 24.08 9.99
CA LEU D 144 3.82 24.37 11.38
C LEU D 144 3.05 23.24 12.03
N GLU D 145 2.22 22.53 11.27
CA GLU D 145 1.46 21.41 11.83
C GLU D 145 2.38 20.25 12.16
N GLU D 146 3.17 19.79 11.18
CA GLU D 146 4.10 18.70 11.42
C GLU D 146 5.32 19.13 12.22
N GLN D 147 5.54 20.43 12.38
CA GLN D 147 6.66 20.97 13.16
C GLN D 147 8.00 20.45 12.63
N ARG D 148 8.11 20.33 11.31
CA ARG D 148 9.33 19.85 10.67
C ARG D 148 9.28 20.21 9.19
N ILE D 149 10.42 20.05 8.53
CA ILE D 149 10.53 20.34 7.10
C ILE D 149 9.85 19.23 6.31
N LEU D 150 9.10 19.62 5.28
CA LEU D 150 8.36 18.67 4.45
C LEU D 150 8.96 18.62 3.05
N ASP D 151 9.13 17.40 2.53
CA ASP D 151 9.61 17.21 1.18
C ASP D 151 8.54 17.58 0.15
N TRP D 152 8.98 17.75 -1.09
CA TRP D 152 8.07 18.16 -2.14
C TRP D 152 7.35 16.95 -2.73
N GLN D 153 6.16 17.21 -3.29
CA GLN D 153 5.28 16.18 -3.82
C GLN D 153 4.39 16.83 -4.86
N PRO D 154 3.92 16.09 -5.86
CA PRO D 154 3.05 16.68 -6.88
C PRO D 154 1.85 17.38 -6.25
N ARG D 155 1.65 18.64 -6.64
CA ARG D 155 0.76 19.54 -5.92
C ARG D 155 -0.71 19.19 -6.09
N GLU D 156 -1.28 19.52 -7.26
CA GLU D 156 -2.66 19.26 -7.65
C GLU D 156 -3.61 20.30 -7.07
N ASN D 157 -3.52 21.55 -7.58
CA ASN D 157 -4.35 22.72 -7.29
C ASN D 157 -4.89 22.74 -5.86
N PRO D 158 -4.17 23.37 -4.92
CA PRO D 158 -4.59 23.31 -3.52
C PRO D 158 -5.80 24.17 -3.19
N PHE D 159 -6.12 25.17 -4.01
CA PHE D 159 -7.25 26.07 -3.74
C PHE D 159 -8.40 25.85 -4.73
N GLN D 160 -8.57 24.63 -5.20
CA GLN D 160 -9.56 24.34 -6.24
C GLN D 160 -10.97 24.53 -5.71
N ASN D 161 -11.77 25.33 -6.43
CA ASN D 161 -13.17 25.61 -6.07
C ASN D 161 -13.28 26.30 -4.72
N LEU D 162 -12.39 27.27 -4.48
CA LEU D 162 -12.37 28.01 -3.23
C LEU D 162 -12.63 29.49 -3.51
N LYS D 163 -13.63 30.05 -2.85
CA LYS D 163 -13.97 31.47 -2.98
C LYS D 163 -13.31 32.23 -1.84
N VAL D 164 -12.34 33.09 -2.18
CA VAL D 164 -11.60 33.86 -1.19
C VAL D 164 -11.95 35.33 -1.27
N LEU D 165 -11.95 35.98 -0.10
CA LEU D 165 -12.17 37.41 0.03
C LEU D 165 -10.91 37.98 0.66
N LEU D 166 -10.01 38.50 -0.17
CA LEU D 166 -8.81 39.17 0.32
C LEU D 166 -9.17 40.54 0.87
N VAL D 167 -8.71 40.82 2.09
CA VAL D 167 -8.93 42.11 2.74
C VAL D 167 -7.60 42.58 3.31
N SER D 168 -7.10 43.71 2.82
CA SER D 168 -5.86 44.26 3.35
C SER D 168 -5.68 45.68 2.81
N ASP D 169 -4.74 46.40 3.42
CA ASP D 169 -4.44 47.76 3.01
C ASP D 169 -3.22 47.87 2.09
N GLN D 170 -2.44 46.80 1.93
CA GLN D 170 -1.32 46.82 1.00
C GLN D 170 -1.85 46.48 -0.38
N GLN D 171 -1.71 47.39 -1.33
CA GLN D 171 -2.22 47.03 -2.65
C GLN D 171 -1.26 46.12 -3.39
N GLN D 172 0.02 46.12 -3.01
CA GLN D 172 1.06 45.43 -3.75
C GLN D 172 1.50 44.11 -3.11
N ASN D 173 1.58 44.02 -1.79
CA ASN D 173 2.19 42.87 -1.12
C ASN D 173 1.18 41.96 -0.42
N PHE D 174 -0.06 41.91 -0.93
CA PHE D 174 -1.09 41.06 -0.34
C PHE D 174 -2.26 40.91 -1.32
N LEU D 175 -2.94 42.01 -1.60
CA LEU D 175 -4.09 41.97 -2.50
C LEU D 175 -3.68 41.41 -3.87
N GLU D 176 -2.76 42.10 -4.55
CA GLU D 176 -2.27 41.61 -5.82
C GLU D 176 -1.44 40.34 -5.64
N LEU D 177 -0.59 40.31 -4.61
CA LEU D 177 0.25 39.16 -4.29
C LEU D 177 -0.58 37.89 -4.11
N TRP D 178 -1.36 37.84 -3.03
CA TRP D 178 -2.14 36.64 -2.73
C TRP D 178 -3.28 36.44 -3.73
N SER D 179 -3.70 37.49 -4.43
CA SER D 179 -4.67 37.28 -5.52
C SER D 179 -4.05 36.44 -6.62
N GLU D 180 -2.84 36.81 -7.06
CA GLU D 180 -2.15 36.01 -8.07
C GLU D 180 -1.84 34.60 -7.55
N ILE D 181 -1.25 34.52 -6.35
CA ILE D 181 -0.80 33.23 -5.82
C ILE D 181 -1.99 32.29 -5.61
N LEU D 182 -3.13 32.82 -5.17
CA LEU D 182 -4.30 31.96 -4.98
C LEU D 182 -4.92 31.59 -6.32
N MET D 183 -5.01 32.54 -7.25
CA MET D 183 -5.64 32.24 -8.53
C MET D 183 -4.86 31.20 -9.31
N THR D 184 -3.52 31.26 -9.28
CA THR D 184 -2.75 30.23 -9.95
C THR D 184 -2.80 28.91 -9.18
N GLY D 185 -3.13 28.95 -7.89
CA GLY D 185 -3.37 27.77 -7.08
C GLY D 185 -4.73 27.13 -7.26
N GLY D 186 -5.48 27.54 -8.29
CA GLY D 186 -6.77 26.97 -8.59
C GLY D 186 -7.96 27.62 -7.91
N ALA D 187 -7.79 28.81 -7.34
CA ALA D 187 -8.90 29.48 -6.66
C ALA D 187 -9.99 29.83 -7.67
N ALA D 188 -11.24 29.53 -7.31
CA ALA D 188 -12.35 29.79 -8.21
C ALA D 188 -12.54 31.30 -8.40
N SER D 189 -12.55 32.05 -7.30
CA SER D 189 -12.69 33.50 -7.36
C SER D 189 -12.02 34.11 -6.13
N VAL D 190 -11.30 35.21 -6.35
CA VAL D 190 -10.68 35.97 -5.27
C VAL D 190 -11.11 37.41 -5.41
N LYS D 191 -11.70 37.98 -4.37
CA LYS D 191 -12.19 39.36 -4.39
C LYS D 191 -11.29 40.22 -3.52
N GLN D 192 -10.66 41.22 -4.13
CA GLN D 192 -9.81 42.14 -3.40
C GLN D 192 -10.64 43.18 -2.65
N HIS D 193 -10.12 43.63 -1.51
CA HIS D 193 -10.83 44.61 -0.70
C HIS D 193 -9.84 45.37 0.18
N HIS D 194 -9.99 46.69 0.21
CA HIS D 194 -9.13 47.54 1.01
C HIS D 194 -9.64 47.59 2.45
N SER D 195 -8.74 47.40 3.41
CA SER D 195 -9.10 47.26 4.82
C SER D 195 -9.57 48.57 5.46
N SER D 196 -10.25 49.41 4.68
CA SER D 196 -10.74 50.69 5.21
C SER D 196 -11.76 51.29 4.25
N ALA D 197 -11.43 51.36 2.98
CA ALA D 197 -12.30 51.95 1.96
C ALA D 197 -13.57 51.11 1.79
N ASP D 201 -20.28 46.94 1.88
CA ASP D 201 -21.18 46.66 0.77
C ASP D 201 -20.75 45.43 -0.03
N ILE D 202 -20.40 44.35 0.69
CA ILE D 202 -19.96 43.12 0.08
C ILE D 202 -20.84 41.98 0.59
N ALA D 203 -21.09 41.01 -0.30
CA ALA D 203 -21.78 39.78 0.09
C ALA D 203 -20.79 38.85 0.76
N LEU D 204 -20.97 38.61 2.06
CA LEU D 204 -20.04 37.77 2.80
C LEU D 204 -20.42 36.29 2.80
N GLY D 205 -21.64 35.95 2.39
CA GLY D 205 -22.06 34.56 2.39
C GLY D 205 -21.52 33.74 1.23
N VAL D 206 -21.15 34.40 0.13
CA VAL D 206 -20.63 33.68 -1.02
C VAL D 206 -19.26 33.09 -0.73
N PHE D 207 -18.41 33.84 -0.02
CA PHE D 207 -17.03 33.44 0.19
C PHE D 207 -16.92 32.28 1.17
N ASP D 208 -15.91 31.45 0.97
CA ASP D 208 -15.62 30.32 1.86
C ASP D 208 -14.67 30.70 2.98
N VAL D 209 -13.76 31.64 2.72
CA VAL D 209 -12.78 32.06 3.72
C VAL D 209 -12.33 33.47 3.38
N VAL D 210 -12.00 34.24 4.42
CA VAL D 210 -11.48 35.58 4.27
C VAL D 210 -10.04 35.57 4.77
N VAL D 211 -9.11 36.00 3.90
CA VAL D 211 -7.70 36.10 4.26
C VAL D 211 -7.38 37.57 4.50
N THR D 212 -6.81 37.87 5.67
CA THR D 212 -6.68 39.27 6.09
C THR D 212 -5.39 39.43 6.88
N ASP D 213 -5.14 40.66 7.30
CA ASP D 213 -3.98 41.08 8.07
C ASP D 213 -4.49 41.82 9.29
N PRO D 214 -3.59 42.21 10.23
CA PRO D 214 -4.07 42.89 11.44
C PRO D 214 -4.80 44.21 11.20
N SER D 215 -5.01 44.60 9.94
CA SER D 215 -5.72 45.83 9.62
C SER D 215 -7.20 45.59 9.34
N CYS D 216 -7.73 44.44 9.74
CA CYS D 216 -9.12 44.12 9.42
C CYS D 216 -10.06 45.00 10.22
N PRO D 217 -11.04 45.64 9.57
CA PRO D 217 -12.04 46.41 10.32
C PRO D 217 -12.95 45.49 11.12
N ALA D 218 -13.41 46.00 12.26
CA ALA D 218 -14.27 45.21 13.13
C ALA D 218 -15.59 44.85 12.46
N SER D 219 -16.00 45.58 11.43
CA SER D 219 -17.22 45.25 10.72
C SER D 219 -17.08 43.92 9.99
N VAL D 220 -15.97 43.73 9.26
CA VAL D 220 -15.77 42.49 8.54
C VAL D 220 -15.51 41.34 9.52
N LEU D 221 -14.79 41.61 10.62
CA LEU D 221 -14.51 40.57 11.59
C LEU D 221 -15.78 40.09 12.27
N LYS D 222 -16.58 41.01 12.80
CA LYS D 222 -17.79 40.62 13.52
C LYS D 222 -18.85 40.07 12.58
N CYS D 223 -18.93 40.64 11.36
CA CYS D 223 -19.88 40.11 10.38
C CYS D 223 -19.52 38.69 9.97
N ALA D 224 -18.24 38.43 9.73
CA ALA D 224 -17.81 37.06 9.46
C ALA D 224 -17.98 36.18 10.69
N GLU D 225 -17.95 36.76 11.88
CA GLU D 225 -18.13 35.97 13.09
C GLU D 225 -19.57 35.49 13.21
N ALA D 226 -20.53 36.39 13.03
CA ALA D 226 -21.93 36.00 13.11
C ALA D 226 -22.31 35.06 11.98
N LEU D 227 -21.72 35.25 10.79
CA LEU D 227 -21.97 34.37 9.66
C LEU D 227 -21.20 33.06 9.74
N GLN D 228 -20.44 32.84 10.81
CA GLN D 228 -19.58 31.68 10.98
C GLN D 228 -18.58 31.53 9.84
N LEU D 229 -18.27 32.63 9.17
CA LEU D 229 -17.31 32.62 8.08
C LEU D 229 -15.90 32.73 8.65
N PRO D 230 -15.01 31.80 8.35
CA PRO D 230 -13.66 31.84 8.96
C PRO D 230 -12.79 32.93 8.36
N VAL D 231 -11.94 33.49 9.20
CA VAL D 231 -11.00 34.55 8.80
C VAL D 231 -9.60 34.10 9.20
N VAL D 232 -8.72 33.97 8.20
CA VAL D 232 -7.37 33.48 8.42
C VAL D 232 -6.36 34.54 7.97
N SER D 233 -5.10 34.28 8.25
CA SER D 233 -4.00 35.12 7.84
C SER D 233 -3.36 34.55 6.58
N GLN D 234 -2.24 35.14 6.16
CA GLN D 234 -1.52 34.61 5.01
C GLN D 234 -0.81 33.30 5.33
N GLU D 235 -0.55 33.03 6.61
CA GLU D 235 0.12 31.79 6.98
C GLU D 235 -0.70 30.57 6.60
N TRP D 236 -2.03 30.72 6.58
CA TRP D 236 -2.87 29.62 6.10
C TRP D 236 -2.60 29.32 4.63
N VAL D 237 -2.51 30.38 3.82
CA VAL D 237 -2.20 30.19 2.40
C VAL D 237 -0.82 29.56 2.24
N ILE D 238 0.17 30.06 2.99
CA ILE D 238 1.54 29.56 2.86
C ILE D 238 1.60 28.08 3.25
N GLN D 239 1.03 27.73 4.40
CA GLN D 239 1.05 26.34 4.84
C GLN D 239 0.30 25.44 3.87
N CYS D 240 -0.82 25.93 3.32
CA CYS D 240 -1.51 25.17 2.28
C CYS D 240 -0.61 24.92 1.08
N LEU D 241 0.20 25.91 0.71
CA LEU D 241 1.11 25.72 -0.42
C LEU D 241 2.24 24.76 -0.07
N ILE D 242 2.67 24.73 1.19
CA ILE D 242 3.77 23.87 1.58
C ILE D 242 3.31 22.41 1.63
N VAL D 243 2.22 22.15 2.33
CA VAL D 243 1.73 20.78 2.45
C VAL D 243 1.21 20.26 1.11
N GLY D 244 0.62 21.13 0.30
CA GLY D 244 0.02 20.72 -0.95
C GLY D 244 -1.43 20.33 -0.86
N GLU D 245 -2.12 20.75 0.19
CA GLU D 245 -3.53 20.42 0.38
C GLU D 245 -4.10 21.39 1.39
N ARG D 246 -5.40 21.64 1.27
CA ARG D 246 -6.06 22.64 2.08
C ARG D 246 -6.07 22.19 3.54
N ILE D 247 -5.40 22.94 4.40
CA ILE D 247 -5.29 22.60 5.81
C ILE D 247 -6.29 23.42 6.62
N GLY D 248 -6.37 23.13 7.92
CA GLY D 248 -7.43 23.68 8.75
C GLY D 248 -7.24 25.16 9.01
N PHE D 249 -8.35 25.89 8.96
CA PHE D 249 -8.33 27.33 9.24
C PHE D 249 -7.78 27.61 10.63
N LYS D 250 -8.36 26.99 11.66
CA LYS D 250 -7.98 27.20 13.04
C LYS D 250 -7.02 26.12 13.54
N GLN D 251 -6.22 25.54 12.65
CA GLN D 251 -5.28 24.49 13.04
C GLN D 251 -4.09 25.02 13.84
N HIS D 252 -3.73 26.29 13.68
CA HIS D 252 -2.53 26.80 14.33
C HIS D 252 -2.71 28.26 14.72
N PRO D 253 -2.15 28.70 15.85
CA PRO D 253 -2.32 30.11 16.26
C PRO D 253 -1.80 31.12 15.25
N LYS D 254 -0.75 30.78 14.49
CA LYS D 254 -0.25 31.71 13.49
C LYS D 254 -1.25 31.97 12.37
N TYR D 255 -2.36 31.22 12.31
CA TYR D 255 -3.36 31.44 11.27
C TYR D 255 -4.32 32.56 11.62
N LYS D 256 -4.29 33.06 12.85
CA LYS D 256 -5.12 34.20 13.23
C LYS D 256 -4.74 35.42 12.40
N HIS D 257 -5.75 36.20 11.99
CA HIS D 257 -5.49 37.37 11.16
C HIS D 257 -4.66 38.41 11.89
N ASP D 258 -4.85 38.55 13.20
CA ASP D 258 -4.18 39.58 13.99
C ASP D 258 -2.92 39.05 14.67
N TYR D 259 -2.17 38.19 14.00
CA TYR D 259 -0.92 37.63 14.54
C TYR D 259 0.22 38.01 13.60
N VAL D 260 1.02 38.98 14.02
CA VAL D 260 2.22 39.36 13.26
C VAL D 260 3.20 40.07 14.19
N SEP E 1 15.58 37.41 -2.74
CA SEP E 1 14.43 38.30 -2.67
CB SEP E 1 13.40 37.94 -3.73
OG SEP E 1 13.91 38.22 -5.03
C SEP E 1 13.78 38.28 -1.28
O SEP E 1 14.24 37.59 -0.38
P SEP E 1 14.16 36.84 -5.84
O1P SEP E 1 15.59 36.26 -5.42
O2P SEP E 1 14.11 37.15 -7.42
O3P SEP E 1 13.01 35.78 -5.47
N GLN E 2 12.72 39.07 -1.13
CA GLN E 2 12.05 39.20 0.16
C GLN E 2 11.34 37.92 0.56
N GLU E 3 11.54 37.49 1.80
CA GLU E 3 10.84 36.34 2.34
C GLU E 3 9.58 36.79 3.06
N TYR E 4 8.46 36.15 2.74
CA TYR E 4 7.18 36.52 3.34
C TYR E 4 6.86 35.66 4.54
N SEP F 1 -15.66 -36.87 0.54
CA SEP F 1 -14.56 -37.79 0.31
CB SEP F 1 -13.76 -37.36 -0.93
OG SEP F 1 -14.52 -37.59 -2.10
C SEP F 1 -13.64 -37.91 1.51
O SEP F 1 -13.79 -37.20 2.51
P SEP F 1 -14.76 -36.20 -2.87
O1P SEP F 1 -13.42 -35.31 -2.80
O2P SEP F 1 -15.11 -36.48 -4.42
O3P SEP F 1 -15.99 -35.46 -2.15
N GLN F 2 -12.69 -38.85 1.42
CA GLN F 2 -11.73 -39.08 2.49
C GLN F 2 -10.76 -37.91 2.61
N GLU F 3 -10.55 -37.42 3.83
CA GLU F 3 -9.64 -36.33 4.10
C GLU F 3 -8.28 -36.85 4.56
N TYR F 4 -7.28 -35.99 4.45
CA TYR F 4 -5.93 -36.34 4.86
C TYR F 4 -5.37 -35.33 5.86
ZN ZN G . -25.50 -10.73 4.31
ZN ZN H . 26.24 11.37 -2.50
#